data_6WL3
#
_entry.id   6WL3
#
_cell.length_a   109.430
_cell.length_b   109.430
_cell.length_c   316.464
_cell.angle_alpha   90.000
_cell.angle_beta   90.000
_cell.angle_gamma   90.000
#
_symmetry.space_group_name_H-M   'P 43 21 2'
#
loop_
_entity.id
_entity.type
_entity.pdbx_description
1 polymer 'H-2 class I histocompatibility antigen, K-B alpha chain'
2 polymer ARG-GLY-TYR-LEU-TYR-GLN-GLY-LEU
3 polymer 'N15 preTCR beta'
#
loop_
_entity_poly.entity_id
_entity_poly.type
_entity_poly.pdbx_seq_one_letter_code
_entity_poly.pdbx_strand_id
1 'polypeptide(L)'
;GPHSLRYFVTAVSRPGLGEPRYMEVGYVDDTEFVRFDSDAENPRYEPRARWMEQECPEYWERETQKAKGNEQSFRVDLRT
LLGYYNQSKGGSHTIQVISGCEVGSDGRLLRGYQQYAYDGQDYIALNEDLKTWTAADMAALITKHKWEQAGEAERLRAYL
EGTCVEWLRRYLKNGNATLLRTDSP
;
A,D,G
2 'polypeptide(L)' RGYLYQGL B,E,H
3 'polypeptide(L)'
;DSGVVQSPRHIIKEKGGRSVLTCIPISGHSNVVWYQQTLGKELKFLIQHYEKVERDKGFLPCRFSVQQFDDYHSEMNMSA
LELEDSAMYFCASSLRWGDEQYFGPGTRLTVVEDLRNVTPPKVSLREPSKAEIANKQKATLQCQARGFFPDHVELSWWVN
GKEVHSGVSTDPQAYKESNYSYSLSSRLRVSATFWHNPRNHFRCQVQFHGLSEEDKWPEGSPKPVTQNISAEAWGRADS
;
C,F,I
#
# COMPACT_ATOMS: atom_id res chain seq x y z
N GLY A 1 -7.79 21.05 32.64
CA GLY A 1 -7.74 20.01 31.63
C GLY A 1 -9.11 19.65 31.06
N PRO A 2 -9.57 20.43 30.10
CA PRO A 2 -10.92 20.19 29.55
C PRO A 2 -11.10 18.81 28.94
N HIS A 3 -10.11 18.31 28.20
CA HIS A 3 -10.25 17.09 27.42
C HIS A 3 -9.21 16.07 27.85
N SER A 4 -9.65 14.83 28.06
CA SER A 4 -8.80 13.75 28.51
C SER A 4 -9.23 12.45 27.84
N LEU A 5 -8.25 11.61 27.49
CA LEU A 5 -8.53 10.32 26.87
C LEU A 5 -7.91 9.23 27.71
N ARG A 6 -8.73 8.33 28.24
CA ARG A 6 -8.27 7.27 29.12
C ARG A 6 -8.66 5.90 28.57
N TYR A 7 -7.93 4.88 29.01
CA TYR A 7 -8.22 3.49 28.70
C TYR A 7 -8.17 2.67 29.97
N PHE A 8 -9.21 1.89 30.22
CA PHE A 8 -9.30 0.98 31.36
C PHE A 8 -9.08 -0.44 30.87
N VAL A 9 -8.03 -1.09 31.38
CA VAL A 9 -7.67 -2.45 30.97
C VAL A 9 -7.87 -3.37 32.17
N THR A 10 -8.61 -4.45 31.96
CA THR A 10 -8.99 -5.37 33.03
C THR A 10 -8.71 -6.80 32.59
N ALA A 11 -8.05 -7.57 33.46
CA ALA A 11 -7.73 -8.98 33.20
C ALA A 11 -8.15 -9.81 34.43
N VAL A 12 -9.46 -9.97 34.61
CA VAL A 12 -9.97 -10.79 35.69
C VAL A 12 -9.64 -12.26 35.42
N SER A 13 -9.02 -12.91 36.39
CA SER A 13 -8.69 -14.32 36.28
C SER A 13 -9.73 -15.15 37.01
N ARG A 14 -10.18 -16.23 36.37
CA ARG A 14 -10.96 -17.26 37.04
C ARG A 14 -10.37 -18.60 36.62
N PRO A 15 -9.82 -19.39 37.55
CA PRO A 15 -9.25 -20.69 37.19
C PRO A 15 -10.28 -21.81 37.32
N GLY A 16 -10.09 -22.85 36.51
CA GLY A 16 -11.02 -23.94 36.42
C GLY A 16 -12.27 -23.61 35.62
N LEU A 17 -12.61 -22.34 35.49
CA LEU A 17 -13.73 -21.88 34.67
C LEU A 17 -13.26 -21.43 33.29
N GLY A 18 -12.06 -21.84 32.88
CA GLY A 18 -11.52 -21.47 31.59
C GLY A 18 -10.34 -20.52 31.67
N GLU A 19 -10.37 -19.48 30.86
CA GLU A 19 -9.28 -18.51 30.75
C GLU A 19 -9.71 -17.15 31.25
N PRO A 20 -8.76 -16.25 31.53
CA PRO A 20 -9.13 -14.96 32.13
C PRO A 20 -10.01 -14.10 31.23
N ARG A 21 -11.03 -13.50 31.83
CA ARG A 21 -11.82 -12.47 31.16
C ARG A 21 -10.99 -11.19 31.03
N TYR A 22 -10.64 -10.82 29.81
CA TYR A 22 -9.81 -9.66 29.54
C TYR A 22 -10.59 -8.67 28.69
N MET A 23 -10.53 -7.39 29.04
CA MET A 23 -11.33 -6.39 28.34
C MET A 23 -10.71 -5.02 28.48
N GLU A 24 -10.81 -4.22 27.41
CA GLU A 24 -10.36 -2.82 27.43
C GLU A 24 -11.53 -1.91 27.10
N VAL A 25 -11.67 -0.84 27.88
CA VAL A 25 -12.66 0.20 27.61
C VAL A 25 -11.93 1.54 27.58
N GLY A 26 -12.29 2.37 26.62
CA GLY A 26 -11.75 3.72 26.51
C GLY A 26 -12.85 4.74 26.61
N TYR A 27 -12.56 5.85 27.29
CA TYR A 27 -13.51 6.96 27.48
C TYR A 27 -12.86 8.23 26.98
N VAL A 28 -13.27 8.70 25.80
CA VAL A 28 -12.91 10.05 25.40
C VAL A 28 -13.60 11.03 26.34
N ASP A 29 -12.87 12.04 26.80
CA ASP A 29 -13.30 12.86 27.93
C ASP A 29 -13.78 11.94 29.05
N ASP A 30 -15.10 11.84 29.24
CA ASP A 30 -15.65 10.97 30.28
C ASP A 30 -16.74 10.06 29.74
N THR A 31 -16.82 9.88 28.41
CA THR A 31 -17.83 9.05 27.79
C THR A 31 -17.16 7.93 27.00
N GLU A 32 -17.58 6.70 27.27
CA GLU A 32 -17.04 5.52 26.60
C GLU A 32 -17.31 5.59 25.09
N PHE A 33 -16.31 5.21 24.29
CA PHE A 33 -16.46 5.25 22.84
C PHE A 33 -16.05 3.95 22.18
N VAL A 34 -15.11 3.21 22.77
CA VAL A 34 -14.71 1.91 22.25
C VAL A 34 -14.64 0.92 23.41
N ARG A 35 -14.81 -0.37 23.07
CA ARG A 35 -14.78 -1.42 24.09
C ARG A 35 -14.38 -2.74 23.43
N PHE A 36 -13.61 -3.52 24.17
CA PHE A 36 -13.21 -4.87 23.76
C PHE A 36 -13.55 -5.83 24.89
N ASP A 37 -14.00 -7.03 24.54
CA ASP A 37 -14.42 -8.01 25.54
C ASP A 37 -13.99 -9.40 25.09
N SER A 38 -13.27 -10.10 25.98
CA SER A 38 -12.87 -11.47 25.68
C SER A 38 -14.06 -12.42 25.66
N ASP A 39 -15.02 -12.22 26.56
CA ASP A 39 -16.19 -13.09 26.65
C ASP A 39 -17.32 -12.63 25.74
N ALA A 40 -16.96 -12.42 24.47
CA ALA A 40 -17.92 -12.29 23.38
C ALA A 40 -17.70 -13.45 22.43
N GLU A 41 -18.72 -13.76 21.62
CA GLU A 41 -18.66 -14.96 20.80
C GLU A 41 -17.55 -14.86 19.75
N ASN A 42 -17.48 -13.74 19.04
CA ASN A 42 -16.40 -13.45 18.11
C ASN A 42 -15.84 -12.09 18.50
N PRO A 43 -14.92 -12.06 19.47
CA PRO A 43 -14.50 -10.79 20.06
C PRO A 43 -13.90 -9.84 19.03
N ARG A 44 -14.23 -8.55 19.18
CA ARG A 44 -13.81 -7.53 18.23
C ARG A 44 -13.82 -6.18 18.92
N TYR A 45 -12.86 -5.34 18.55
CA TYR A 45 -12.88 -3.95 19.00
C TYR A 45 -14.08 -3.24 18.37
N GLU A 46 -15.01 -2.80 19.21
CA GLU A 46 -16.26 -2.25 18.71
C GLU A 46 -16.44 -0.80 19.14
N PRO A 47 -17.08 0.02 18.33
CA PRO A 47 -17.41 1.38 18.76
C PRO A 47 -18.56 1.40 19.74
N ARG A 48 -18.54 2.41 20.62
CA ARG A 48 -19.61 2.62 21.59
C ARG A 48 -20.13 4.05 21.53
N ALA A 49 -19.90 4.75 20.43
CA ALA A 49 -20.46 6.06 20.18
C ALA A 49 -20.62 6.23 18.68
N ARG A 50 -21.63 7.01 18.27
CA ARG A 50 -21.98 7.09 16.86
C ARG A 50 -20.83 7.62 16.01
N TRP A 51 -20.11 8.62 16.52
CA TRP A 51 -19.00 9.19 15.77
C TRP A 51 -17.86 8.19 15.60
N MET A 52 -17.71 7.25 16.54
CA MET A 52 -16.70 6.21 16.39
C MET A 52 -17.09 5.20 15.33
N GLU A 53 -18.40 4.97 15.14
CA GLU A 53 -18.85 4.09 14.08
C GLU A 53 -18.43 4.59 12.70
N GLN A 54 -18.17 5.89 12.58
CA GLN A 54 -17.74 6.50 11.33
C GLN A 54 -16.23 6.49 11.16
N GLU A 55 -15.52 5.61 11.86
CA GLU A 55 -14.08 5.51 11.76
C GLU A 55 -13.68 4.50 10.69
N CYS A 56 -12.36 4.41 10.45
CA CYS A 56 -11.84 3.58 9.37
C CYS A 56 -12.09 2.10 9.65
N PRO A 57 -12.40 1.29 8.63
CA PRO A 57 -12.60 -0.14 8.86
C PRO A 57 -11.31 -0.93 9.04
N GLU A 58 -10.15 -0.38 8.65
CA GLU A 58 -8.88 -1.01 8.96
C GLU A 58 -8.38 -0.63 10.35
N TYR A 59 -8.82 0.52 10.87
CA TYR A 59 -8.53 0.89 12.25
C TYR A 59 -8.94 -0.21 13.23
N TRP A 60 -10.09 -0.83 12.99
CA TRP A 60 -10.58 -1.84 13.92
C TRP A 60 -9.69 -3.09 13.89
N GLU A 61 -9.17 -3.44 12.72
CA GLU A 61 -8.27 -4.59 12.65
C GLU A 61 -6.95 -4.29 13.34
N ARG A 62 -6.44 -3.06 13.17
CA ARG A 62 -5.21 -2.67 13.86
C ARG A 62 -5.37 -2.81 15.38
N GLU A 63 -6.48 -2.30 15.91
CA GLU A 63 -6.68 -2.32 17.36
C GLU A 63 -7.04 -3.70 17.87
N THR A 64 -7.78 -4.49 17.08
CA THR A 64 -8.12 -5.84 17.50
C THR A 64 -6.87 -6.72 17.58
N GLN A 65 -5.99 -6.62 16.59
CA GLN A 65 -4.72 -7.35 16.64
C GLN A 65 -3.94 -6.98 17.89
N LYS A 66 -3.93 -5.70 18.25
CA LYS A 66 -3.23 -5.27 19.45
C LYS A 66 -3.94 -5.75 20.72
N ALA A 67 -5.27 -5.72 20.72
CA ALA A 67 -6.03 -6.15 21.89
C ALA A 67 -5.77 -7.63 22.20
N LYS A 68 -5.84 -8.48 21.19
CA LYS A 68 -5.52 -9.89 21.40
C LYS A 68 -4.06 -10.07 21.80
N GLY A 69 -3.18 -9.16 21.37
CA GLY A 69 -1.80 -9.24 21.80
C GLY A 69 -1.63 -8.95 23.29
N ASN A 70 -2.36 -7.96 23.80
CA ASN A 70 -2.28 -7.64 25.22
C ASN A 70 -2.91 -8.74 26.06
N GLU A 71 -3.96 -9.38 25.56
CA GLU A 71 -4.58 -10.49 26.26
C GLU A 71 -3.57 -11.60 26.53
N GLN A 72 -2.68 -11.85 25.56
CA GLN A 72 -1.66 -12.88 25.73
C GLN A 72 -0.64 -12.48 26.79
N SER A 73 -0.17 -11.24 26.74
CA SER A 73 0.84 -10.78 27.70
C SER A 73 0.27 -10.74 29.10
N PHE A 74 -0.97 -10.26 29.26
CA PHE A 74 -1.58 -10.20 30.58
C PHE A 74 -1.92 -11.58 31.11
N ARG A 75 -2.08 -12.57 30.23
CA ARG A 75 -2.20 -13.95 30.68
C ARG A 75 -0.92 -14.41 31.36
N VAL A 76 0.23 -13.98 30.84
CA VAL A 76 1.51 -14.35 31.44
C VAL A 76 1.74 -13.56 32.73
N ASP A 77 1.29 -12.30 32.76
CA ASP A 77 1.45 -11.48 33.95
C ASP A 77 0.69 -12.07 35.13
N LEU A 78 -0.54 -12.54 34.89
CA LEU A 78 -1.30 -13.22 35.93
C LEU A 78 -0.56 -14.41 36.47
N ARG A 79 0.12 -15.17 35.60
CA ARG A 79 0.96 -16.27 36.04
C ARG A 79 2.20 -15.77 36.75
N THR A 80 2.79 -14.67 36.26
CA THR A 80 4.03 -14.16 36.84
C THR A 80 3.81 -13.60 38.23
N LEU A 81 2.68 -12.94 38.46
CA LEU A 81 2.41 -12.38 39.78
C LEU A 81 2.30 -13.46 40.84
N LEU A 82 1.78 -14.64 40.49
CA LEU A 82 1.73 -15.75 41.44
C LEU A 82 3.13 -16.22 41.81
N GLY A 83 4.09 -16.09 40.90
CA GLY A 83 5.47 -16.44 41.19
C GLY A 83 6.16 -15.38 42.01
N TYR A 84 5.87 -14.11 41.71
CA TYR A 84 6.43 -13.02 42.50
C TYR A 84 6.02 -13.01 43.96
N TYR A 85 4.74 -13.24 44.24
CA TYR A 85 4.18 -13.14 45.57
C TYR A 85 3.98 -14.49 46.30
N ASN A 86 4.28 -15.59 45.61
CA ASN A 86 3.96 -16.95 46.08
C ASN A 86 2.48 -17.15 46.44
N GLN A 87 1.60 -16.72 45.55
CA GLN A 87 0.18 -16.92 45.79
C GLN A 87 -0.25 -18.29 45.30
N SER A 88 -1.48 -18.65 45.64
CA SER A 88 -2.02 -19.95 45.26
C SER A 88 -2.01 -20.11 43.75
N LYS A 89 -1.53 -21.25 43.27
CA LYS A 89 -1.55 -21.55 41.85
C LYS A 89 -2.97 -21.64 41.29
N GLY A 90 -3.96 -21.73 42.15
CA GLY A 90 -5.35 -21.63 41.73
C GLY A 90 -6.11 -20.67 42.62
N GLY A 91 -6.89 -19.81 42.01
CA GLY A 91 -7.65 -18.79 42.71
C GLY A 91 -7.80 -17.56 41.84
N SER A 92 -8.94 -16.89 41.98
CA SER A 92 -9.23 -15.73 41.15
C SER A 92 -8.33 -14.55 41.51
N HIS A 93 -7.98 -13.78 40.49
CA HIS A 93 -7.16 -12.58 40.67
C HIS A 93 -7.49 -11.60 39.56
N THR A 94 -7.14 -10.33 39.80
CA THR A 94 -7.51 -9.26 38.88
C THR A 94 -6.35 -8.29 38.73
N ILE A 95 -5.90 -8.08 37.50
CA ILE A 95 -4.95 -7.04 37.14
C ILE A 95 -5.71 -5.96 36.38
N GLN A 96 -5.53 -4.71 36.76
CA GLN A 96 -6.19 -3.61 36.07
C GLN A 96 -5.20 -2.47 35.84
N VAL A 97 -5.36 -1.81 34.68
CA VAL A 97 -4.47 -0.73 34.27
C VAL A 97 -5.34 0.43 33.80
N ILE A 98 -4.99 1.63 34.24
CA ILE A 98 -5.69 2.85 33.83
C ILE A 98 -4.67 3.73 33.11
N SER A 99 -4.71 3.72 31.79
CA SER A 99 -3.84 4.52 30.95
C SER A 99 -4.61 5.71 30.39
N GLY A 100 -3.98 6.87 30.39
CA GLY A 100 -4.66 8.06 29.89
C GLY A 100 -3.71 9.22 29.74
N CYS A 101 -4.18 10.23 29.00
CA CYS A 101 -3.46 11.49 28.84
C CYS A 101 -4.48 12.62 28.89
N GLU A 102 -4.43 13.43 29.95
CA GLU A 102 -5.34 14.56 30.10
C GLU A 102 -4.62 15.82 29.61
N VAL A 103 -5.22 16.49 28.64
CA VAL A 103 -4.61 17.66 28.02
C VAL A 103 -5.49 18.88 28.31
N GLY A 104 -4.87 20.06 28.24
CA GLY A 104 -5.55 21.31 28.48
C GLY A 104 -6.22 21.84 27.23
N SER A 105 -6.70 23.08 27.33
CA SER A 105 -7.34 23.73 26.20
C SER A 105 -6.35 23.98 25.06
N ASP A 106 -5.08 24.21 25.39
CA ASP A 106 -4.07 24.54 24.40
C ASP A 106 -3.56 23.34 23.62
N GLY A 107 -4.01 22.13 23.96
CA GLY A 107 -3.52 20.93 23.31
C GLY A 107 -2.22 20.40 23.87
N ARG A 108 -1.57 21.12 24.78
CA ARG A 108 -0.37 20.62 25.42
C ARG A 108 -0.73 19.66 26.54
N LEU A 109 0.17 18.70 26.79
CA LEU A 109 -0.08 17.69 27.81
C LEU A 109 -0.02 18.31 29.21
N LEU A 110 -1.09 18.11 29.98
CA LEU A 110 -1.13 18.57 31.36
C LEU A 110 -0.63 17.50 32.31
N ARG A 111 -1.14 16.28 32.19
CA ARG A 111 -0.67 15.16 32.98
C ARG A 111 -0.83 13.88 32.18
N GLY A 112 0.18 13.03 32.24
CA GLY A 112 0.13 11.70 31.64
C GLY A 112 0.37 10.66 32.71
N TYR A 113 -0.37 9.56 32.65
CA TYR A 113 -0.35 8.61 33.75
C TYR A 113 -0.65 7.20 33.24
N GLN A 114 -0.25 6.23 34.06
CA GLN A 114 -0.47 4.80 33.84
C GLN A 114 -0.27 4.08 35.16
N GLN A 115 -1.30 3.38 35.65
CA GLN A 115 -1.30 2.86 37.02
C GLN A 115 -1.75 1.41 37.02
N TYR A 116 -0.87 0.52 37.49
CA TYR A 116 -1.16 -0.90 37.61
C TYR A 116 -1.73 -1.19 39.00
N ALA A 117 -2.73 -2.06 39.04
CA ALA A 117 -3.36 -2.45 40.30
C ALA A 117 -3.62 -3.95 40.31
N TYR A 118 -3.35 -4.58 41.45
CA TYR A 118 -3.54 -6.01 41.64
C TYR A 118 -4.53 -6.23 42.78
N ASP A 119 -5.68 -6.82 42.46
CA ASP A 119 -6.72 -7.08 43.46
C ASP A 119 -7.10 -5.82 44.22
N GLY A 120 -7.16 -4.70 43.50
CA GLY A 120 -7.54 -3.43 44.09
C GLY A 120 -6.42 -2.67 44.78
N GLN A 121 -5.26 -3.29 44.99
CA GLN A 121 -4.13 -2.64 45.65
C GLN A 121 -3.10 -2.21 44.61
N ASP A 122 -2.70 -0.94 44.69
CA ASP A 122 -1.77 -0.38 43.71
C ASP A 122 -0.48 -1.18 43.66
N TYR A 123 0.03 -1.38 42.44
CA TYR A 123 1.22 -2.18 42.22
C TYR A 123 2.39 -1.33 41.73
N ILE A 124 2.23 -0.61 40.63
CA ILE A 124 3.28 0.24 40.08
C ILE A 124 2.62 1.38 39.32
N ALA A 125 3.39 2.44 39.08
CA ALA A 125 2.87 3.60 38.39
C ALA A 125 4.03 4.41 37.81
N LEU A 126 3.75 5.11 36.72
CA LEU A 126 4.72 5.99 36.10
C LEU A 126 4.64 7.36 36.74
N ASN A 127 5.80 7.93 37.06
CA ASN A 127 5.86 9.20 37.79
C ASN A 127 5.39 10.36 36.92
N GLU A 128 5.29 11.53 37.56
CA GLU A 128 4.89 12.74 36.87
C GLU A 128 5.92 13.17 35.84
N ASP A 129 7.19 12.84 36.07
CA ASP A 129 8.26 13.21 35.15
C ASP A 129 8.33 12.31 33.92
N LEU A 130 7.54 11.24 33.90
CA LEU A 130 7.46 10.31 32.77
C LEU A 130 8.80 9.63 32.49
N LYS A 131 9.68 9.55 33.49
CA LYS A 131 10.94 8.85 33.36
C LYS A 131 11.18 7.79 34.43
N THR A 132 10.51 7.87 35.58
CA THR A 132 10.75 6.98 36.70
C THR A 132 9.46 6.28 37.11
N TRP A 133 9.62 5.19 37.85
CA TRP A 133 8.51 4.42 38.38
C TRP A 133 8.55 4.43 39.91
N THR A 134 7.40 4.18 40.52
CA THR A 134 7.28 4.03 41.98
C THR A 134 6.65 2.66 42.25
N ALA A 135 7.48 1.70 42.64
CA ALA A 135 6.97 0.39 43.02
C ALA A 135 6.28 0.46 44.38
N ALA A 136 5.33 -0.44 44.59
CA ALA A 136 4.52 -0.41 45.80
C ALA A 136 4.87 -1.50 46.79
N ASP A 137 5.40 -2.63 46.32
CA ASP A 137 5.79 -3.75 47.17
C ASP A 137 7.06 -4.39 46.61
N MET A 138 7.53 -5.43 47.30
CA MET A 138 8.78 -6.08 46.91
C MET A 138 8.74 -6.57 45.47
N ALA A 139 7.59 -7.10 45.03
CA ALA A 139 7.51 -7.68 43.69
C ALA A 139 7.50 -6.63 42.60
N ALA A 140 6.88 -5.48 42.87
CA ALA A 140 6.91 -4.39 41.90
C ALA A 140 8.31 -3.83 41.72
N LEU A 141 9.20 -3.94 42.71
CA LEU A 141 10.61 -3.63 42.46
C LEU A 141 11.20 -4.56 41.41
N ILE A 142 10.78 -5.83 41.41
CA ILE A 142 11.25 -6.76 40.38
C ILE A 142 10.73 -6.33 39.02
N THR A 143 9.48 -5.86 38.96
CA THR A 143 8.93 -5.38 37.70
C THR A 143 9.57 -4.06 37.28
N LYS A 144 9.78 -3.16 38.25
CA LYS A 144 10.44 -1.89 37.94
C LYS A 144 11.82 -2.12 37.33
N HIS A 145 12.58 -3.06 37.90
CA HIS A 145 13.91 -3.35 37.36
C HIS A 145 13.82 -3.87 35.93
N LYS A 146 12.79 -4.66 35.63
CA LYS A 146 12.63 -5.19 34.28
C LYS A 146 12.35 -4.08 33.28
N TRP A 147 11.42 -3.18 33.61
CA TRP A 147 11.10 -2.09 32.70
C TRP A 147 12.22 -1.08 32.59
N GLU A 148 13.02 -0.90 33.65
CA GLU A 148 14.20 -0.05 33.57
C GLU A 148 15.23 -0.64 32.62
N GLN A 149 15.48 -1.94 32.72
CA GLN A 149 16.41 -2.60 31.82
C GLN A 149 15.88 -2.59 30.39
N ALA A 150 14.59 -2.86 30.21
CA ALA A 150 14.01 -2.93 28.87
C ALA A 150 13.78 -1.56 28.25
N GLY A 151 13.83 -0.49 29.05
CA GLY A 151 13.56 0.83 28.53
C GLY A 151 12.09 1.11 28.28
N GLU A 152 11.19 0.53 29.09
CA GLU A 152 9.77 0.73 28.89
C GLU A 152 9.34 2.17 29.17
N ALA A 153 10.10 2.89 30.00
CA ALA A 153 9.74 4.26 30.33
C ALA A 153 9.78 5.15 29.10
N GLU A 154 10.84 5.03 28.29
CA GLU A 154 10.95 5.84 27.07
C GLU A 154 9.79 5.55 26.13
N ARG A 155 9.34 4.30 26.08
CA ARG A 155 8.25 3.94 25.18
C ARG A 155 6.92 4.48 25.69
N LEU A 156 6.64 4.30 26.98
CA LEU A 156 5.36 4.73 27.53
C LEU A 156 5.21 6.25 27.47
N ARG A 157 6.26 6.99 27.85
CA ARG A 157 6.16 8.44 27.80
C ARG A 157 6.01 8.95 26.37
N ALA A 158 6.58 8.24 25.40
CA ALA A 158 6.39 8.61 24.00
C ALA A 158 4.95 8.36 23.57
N TYR A 159 4.32 7.33 24.10
CA TYR A 159 2.90 7.11 23.81
C TYR A 159 2.03 8.17 24.48
N LEU A 160 2.37 8.56 25.71
CA LEU A 160 1.54 9.50 26.45
C LEU A 160 1.64 10.91 25.87
N GLU A 161 2.85 11.32 25.48
CA GLU A 161 3.03 12.67 24.94
C GLU A 161 2.57 12.75 23.48
N GLY A 162 3.11 11.89 22.63
CA GLY A 162 2.83 11.97 21.22
C GLY A 162 1.59 11.22 20.78
N THR A 163 1.58 9.91 20.96
CA THR A 163 0.52 9.07 20.41
C THR A 163 -0.84 9.39 21.02
N CYS A 164 -0.90 9.53 22.35
CA CYS A 164 -2.19 9.65 23.01
C CYS A 164 -2.81 11.02 22.77
N VAL A 165 -2.00 12.08 22.75
CA VAL A 165 -2.53 13.42 22.49
C VAL A 165 -2.94 13.56 21.02
N GLU A 166 -2.13 13.00 20.12
CA GLU A 166 -2.43 13.11 18.69
C GLU A 166 -3.76 12.42 18.36
N TRP A 167 -3.99 11.23 18.92
CA TRP A 167 -5.23 10.52 18.68
C TRP A 167 -6.40 11.12 19.45
N LEU A 168 -6.14 11.85 20.54
CA LEU A 168 -7.20 12.60 21.20
C LEU A 168 -7.69 13.72 20.31
N ARG A 169 -6.77 14.35 19.57
CA ARG A 169 -7.16 15.36 18.58
C ARG A 169 -8.10 14.75 17.54
N ARG A 170 -7.76 13.57 17.04
CA ARG A 170 -8.57 12.92 16.01
C ARG A 170 -9.93 12.51 16.56
N TYR A 171 -9.97 11.96 17.77
CA TYR A 171 -11.24 11.56 18.36
C TYR A 171 -12.12 12.76 18.68
N LEU A 172 -11.52 13.82 19.23
CA LEU A 172 -12.28 15.01 19.58
C LEU A 172 -12.91 15.65 18.35
N LYS A 173 -12.16 15.70 17.25
CA LYS A 173 -12.69 16.27 16.02
C LYS A 173 -13.89 15.48 15.51
N ASN A 174 -13.81 14.14 15.59
CA ASN A 174 -14.90 13.30 15.14
C ASN A 174 -16.15 13.52 15.97
N GLY A 175 -16.00 13.54 17.30
CA GLY A 175 -17.16 13.63 18.17
C GLY A 175 -17.87 14.96 18.07
N ASN A 176 -17.14 16.06 18.23
CA ASN A 176 -17.78 17.37 18.29
C ASN A 176 -18.35 17.79 16.94
N ALA A 177 -17.73 17.36 15.84
CA ALA A 177 -18.19 17.79 14.52
C ALA A 177 -19.60 17.26 14.22
N THR A 178 -19.91 16.05 14.67
CA THR A 178 -21.22 15.45 14.45
C THR A 178 -22.06 15.34 15.72
N LEU A 179 -21.50 15.67 16.88
CA LEU A 179 -22.27 15.71 18.12
C LEU A 179 -21.95 16.97 18.91
N ARG B 1 -5.86 5.84 20.73
CA ARG B 1 -5.61 4.56 20.07
C ARG B 1 -5.50 3.42 21.08
N GLY B 2 -4.73 3.65 22.13
CA GLY B 2 -4.54 2.63 23.14
C GLY B 2 -3.13 2.09 23.09
N TYR B 3 -2.58 1.78 24.28
CA TYR B 3 -1.21 1.34 24.40
C TYR B 3 -1.08 -0.15 24.12
N LEU B 4 0.10 -0.55 23.66
CA LEU B 4 0.42 -1.97 23.46
C LEU B 4 1.33 -2.38 24.62
N TYR B 5 0.75 -3.06 25.60
CA TYR B 5 1.48 -3.43 26.80
C TYR B 5 2.43 -4.58 26.55
N GLN B 6 3.62 -4.49 27.09
CA GLN B 6 4.54 -5.61 27.05
C GLN B 6 4.64 -6.10 28.48
N GLY B 7 4.88 -7.40 28.64
CA GLY B 7 4.67 -8.01 29.95
C GLY B 7 5.50 -7.40 31.06
N LEU B 8 5.06 -7.66 32.29
CA LEU B 8 5.77 -7.21 33.48
C LEU B 8 6.38 -8.41 34.20
N SER C 2 30.75 -9.70 21.33
CA SER C 2 29.39 -9.16 21.42
C SER C 2 29.37 -7.69 21.03
N GLY C 3 28.50 -6.93 21.69
CA GLY C 3 28.40 -5.51 21.42
C GLY C 3 27.60 -5.19 20.16
N VAL C 4 26.82 -4.14 20.21
CA VAL C 4 26.01 -3.72 19.07
C VAL C 4 26.83 -2.72 18.26
N VAL C 5 26.53 -2.64 16.95
CA VAL C 5 27.31 -1.83 16.02
C VAL C 5 26.40 -0.81 15.38
N GLN C 6 26.81 0.47 15.42
CA GLN C 6 26.11 1.56 14.76
C GLN C 6 27.06 2.26 13.80
N SER C 7 26.55 2.57 12.60
CA SER C 7 27.35 3.22 11.58
C SER C 7 26.41 3.96 10.64
N PRO C 8 26.84 5.11 10.09
CA PRO C 8 28.11 5.78 10.40
C PRO C 8 27.99 6.55 11.70
N ARG C 9 29.10 6.80 12.39
CA ARG C 9 29.03 7.46 13.69
C ARG C 9 29.00 8.98 13.58
N HIS C 10 29.40 9.54 12.44
CA HIS C 10 29.38 10.99 12.24
C HIS C 10 29.09 11.29 10.78
N ILE C 11 28.04 12.05 10.53
CA ILE C 11 27.69 12.48 9.17
C ILE C 11 27.15 13.90 9.22
N ILE C 12 27.45 14.66 8.17
CA ILE C 12 27.00 16.03 8.00
C ILE C 12 26.17 16.08 6.72
N LYS C 13 24.92 16.52 6.82
CA LYS C 13 24.00 16.54 5.70
C LYS C 13 23.46 17.94 5.47
N GLU C 14 23.49 18.37 4.20
CA GLU C 14 22.88 19.63 3.82
C GLU C 14 21.37 19.55 4.00
N LYS C 15 20.78 20.64 4.47
CA LYS C 15 19.34 20.71 4.70
C LYS C 15 18.59 20.31 3.43
N GLY C 16 17.57 19.48 3.59
CA GLY C 16 16.83 18.96 2.46
C GLY C 16 17.45 17.76 1.78
N GLY C 17 18.49 17.17 2.37
CA GLY C 17 19.14 16.02 1.80
C GLY C 17 18.58 14.72 2.32
N ARG C 18 19.32 13.63 2.09
CA ARG C 18 18.92 12.30 2.50
C ARG C 18 20.15 11.53 2.98
N SER C 19 19.91 10.59 3.89
CA SER C 19 20.96 9.75 4.42
C SER C 19 20.33 8.54 5.09
N VAL C 20 21.14 7.50 5.28
CA VAL C 20 20.68 6.27 5.93
C VAL C 20 21.57 5.99 7.14
N LEU C 21 20.94 5.50 8.21
CA LEU C 21 21.62 5.07 9.41
C LEU C 21 21.41 3.58 9.57
N THR C 22 22.50 2.82 9.65
CA THR C 22 22.43 1.38 9.78
C THR C 22 22.78 0.95 11.20
N CYS C 23 22.30 -0.22 11.58
CA CYS C 23 22.50 -0.76 12.92
C CYS C 23 22.54 -2.27 12.83
N ILE C 24 23.54 -2.87 13.46
CA ILE C 24 23.70 -4.33 13.49
C ILE C 24 23.44 -4.78 14.93
N PRO C 25 22.30 -5.41 15.22
CA PRO C 25 22.02 -5.85 16.59
C PRO C 25 22.93 -6.99 17.00
N ILE C 26 22.90 -7.28 18.31
CA ILE C 26 23.65 -8.41 18.84
C ILE C 26 23.22 -9.68 18.10
N SER C 27 24.18 -10.57 17.86
CA SER C 27 23.88 -11.82 17.17
C SER C 27 22.80 -12.59 17.89
N GLY C 28 21.69 -12.83 17.19
CA GLY C 28 20.55 -13.53 17.74
C GLY C 28 19.43 -12.64 18.24
N HIS C 29 19.72 -11.37 18.53
CA HIS C 29 18.70 -10.47 19.01
C HIS C 29 17.68 -10.18 17.91
N SER C 30 16.40 -10.35 18.24
CA SER C 30 15.32 -10.14 17.29
C SER C 30 14.65 -8.77 17.42
N ASN C 31 14.64 -8.20 18.63
CA ASN C 31 14.01 -6.91 18.86
C ASN C 31 15.04 -5.80 18.66
N VAL C 32 14.68 -4.82 17.83
CA VAL C 32 15.50 -3.63 17.61
C VAL C 32 14.62 -2.41 17.76
N VAL C 33 15.20 -1.32 18.24
CA VAL C 33 14.46 -0.09 18.50
C VAL C 33 15.39 1.10 18.32
N TRP C 34 14.87 2.15 17.70
CA TRP C 34 15.61 3.38 17.47
C TRP C 34 15.18 4.44 18.47
N TYR C 35 16.15 5.08 19.12
CA TYR C 35 15.92 6.23 19.97
C TYR C 35 16.62 7.44 19.38
N GLN C 36 15.95 8.59 19.42
CA GLN C 36 16.55 9.86 19.03
C GLN C 36 16.77 10.70 20.28
N GLN C 37 17.99 11.21 20.43
CA GLN C 37 18.34 12.11 21.54
C GLN C 37 18.77 13.44 20.94
N THR C 38 17.98 14.48 21.18
CA THR C 38 18.38 15.82 20.79
C THR C 38 19.36 16.39 21.82
N LEU C 39 19.93 17.54 21.48
CA LEU C 39 21.01 18.12 22.27
C LEU C 39 20.52 18.65 23.62
N GLY C 40 20.58 17.81 24.65
CA GLY C 40 20.24 18.20 26.01
C GLY C 40 18.93 17.62 26.50
N LYS C 41 17.93 17.50 25.64
CA LYS C 41 16.62 17.03 26.07
C LYS C 41 16.63 15.51 26.25
N GLU C 42 15.51 14.99 26.77
CA GLU C 42 15.43 13.59 27.14
C GLU C 42 15.42 12.69 25.91
N LEU C 43 15.57 11.39 26.16
CA LEU C 43 15.59 10.40 25.09
C LEU C 43 14.21 10.24 24.49
N LYS C 44 14.11 10.41 23.17
CA LYS C 44 12.85 10.24 22.45
C LYS C 44 12.77 8.83 21.88
N PHE C 45 11.62 8.19 22.08
CA PHE C 45 11.36 6.89 21.48
C PHE C 45 10.88 7.08 20.05
N LEU C 46 11.59 6.48 19.09
CA LEU C 46 11.22 6.63 17.68
C LEU C 46 10.30 5.48 17.25
N ILE C 47 10.84 4.27 17.17
CA ILE C 47 10.07 3.10 16.73
C ILE C 47 10.85 1.85 17.11
N GLN C 48 10.14 0.73 17.20
CA GLN C 48 10.74 -0.56 17.50
C GLN C 48 10.24 -1.61 16.51
N HIS C 49 11.11 -2.59 16.23
CA HIS C 49 10.81 -3.67 15.29
C HIS C 49 11.10 -5.00 15.97
N TYR C 50 10.09 -5.87 16.02
CA TYR C 50 10.26 -7.22 16.53
C TYR C 50 10.12 -8.22 15.39
N GLU C 51 11.18 -8.97 15.15
CA GLU C 51 11.19 -10.06 14.16
C GLU C 51 10.74 -9.56 12.79
N LYS C 52 11.41 -8.53 12.30
CA LYS C 52 11.26 -7.95 10.97
C LYS C 52 9.92 -7.23 10.77
N VAL C 53 9.12 -7.05 11.82
CA VAL C 53 7.83 -6.40 11.73
C VAL C 53 7.75 -5.30 12.78
N GLU C 54 7.09 -4.19 12.43
CA GLU C 54 6.94 -3.08 13.36
C GLU C 54 5.99 -3.45 14.49
N ARG C 55 6.39 -3.13 15.73
CA ARG C 55 5.62 -3.46 16.91
C ARG C 55 4.90 -2.24 17.49
N ASP C 56 5.65 -1.20 17.85
CA ASP C 56 5.08 0.02 18.38
C ASP C 56 5.80 1.20 17.76
N LYS C 57 5.04 2.21 17.35
CA LYS C 57 5.59 3.43 16.77
C LYS C 57 5.33 4.60 17.71
N GLY C 58 6.33 5.46 17.86
CA GLY C 58 6.22 6.59 18.74
C GLY C 58 6.39 7.94 18.06
N PHE C 59 7.63 8.44 18.01
CA PHE C 59 7.91 9.77 17.51
C PHE C 59 8.53 9.77 16.12
N LEU C 60 8.62 8.61 15.47
CA LEU C 60 9.23 8.54 14.15
C LEU C 60 8.38 9.32 13.15
N PRO C 61 8.90 10.39 12.55
CA PRO C 61 8.10 11.14 11.58
C PRO C 61 7.86 10.34 10.31
N CYS C 62 6.89 10.81 9.52
CA CYS C 62 6.59 10.16 8.25
C CYS C 62 7.78 10.23 7.29
N ARG C 63 8.69 11.18 7.49
CA ARG C 63 9.84 11.31 6.61
C ARG C 63 10.85 10.20 6.84
N PHE C 64 11.15 9.90 8.10
CA PHE C 64 12.03 8.77 8.41
C PHE C 64 11.29 7.46 8.21
N SER C 65 11.97 6.48 7.63
CA SER C 65 11.40 5.16 7.40
C SER C 65 12.45 4.12 7.70
N VAL C 66 12.14 3.22 8.63
CA VAL C 66 13.05 2.15 9.02
C VAL C 66 12.39 0.81 8.75
N GLN C 67 13.23 -0.22 8.64
CA GLN C 67 12.75 -1.57 8.41
C GLN C 67 13.84 -2.56 8.80
N GLN C 68 13.43 -3.66 9.42
CA GLN C 68 14.36 -4.73 9.78
C GLN C 68 14.50 -5.69 8.61
N PHE C 69 15.72 -6.15 8.39
CA PHE C 69 16.03 -7.02 7.27
C PHE C 69 15.92 -8.48 7.69
N ASP C 70 16.20 -9.38 6.76
CA ASP C 70 16.11 -10.82 7.03
C ASP C 70 17.32 -11.35 7.79
N ASP C 71 18.41 -10.60 7.86
CA ASP C 71 19.50 -10.90 8.77
C ASP C 71 19.38 -10.13 10.09
N TYR C 72 18.17 -9.64 10.40
CA TYR C 72 17.76 -9.00 11.65
C TYR C 72 18.37 -7.61 11.84
N HIS C 73 19.23 -7.14 10.96
CA HIS C 73 19.72 -5.77 11.08
C HIS C 73 18.70 -4.81 10.47
N SER C 74 18.73 -3.57 10.93
CA SER C 74 17.76 -2.56 10.52
C SER C 74 18.47 -1.29 10.08
N GLU C 75 17.92 -0.63 9.07
CA GLU C 75 18.43 0.64 8.58
C GLU C 75 17.35 1.71 8.71
N MET C 76 17.79 2.93 8.99
CA MET C 76 16.89 4.09 9.09
C MET C 76 17.12 4.99 7.89
N ASN C 77 16.06 5.22 7.11
CA ASN C 77 16.14 6.04 5.90
C ASN C 77 15.62 7.44 6.23
N MET C 78 16.50 8.44 6.13
CA MET C 78 16.16 9.82 6.42
C MET C 78 15.97 10.58 5.11
N SER C 79 14.83 11.25 4.98
CA SER C 79 14.48 11.96 3.75
C SER C 79 14.02 13.36 4.07
N ALA C 80 14.37 14.30 3.19
CA ALA C 80 13.99 15.71 3.33
C ALA C 80 14.36 16.25 4.71
N LEU C 81 15.66 16.16 5.01
CA LEU C 81 16.14 16.50 6.34
C LEU C 81 15.92 17.98 6.65
N GLU C 82 15.47 18.23 7.88
CA GLU C 82 15.30 19.58 8.40
C GLU C 82 16.40 19.88 9.43
N LEU C 83 16.50 21.16 9.79
CA LEU C 83 17.51 21.56 10.76
C LEU C 83 17.18 21.06 12.16
N GLU C 84 15.89 20.87 12.46
CA GLU C 84 15.50 20.31 13.75
C GLU C 84 15.87 18.85 13.88
N ASP C 85 16.19 18.18 12.77
CA ASP C 85 16.51 16.75 12.79
C ASP C 85 17.93 16.47 13.26
N SER C 86 18.80 17.47 13.30
CA SER C 86 20.17 17.27 13.77
C SER C 86 20.18 16.85 15.23
N ALA C 87 20.46 15.58 15.48
CA ALA C 87 20.44 15.03 16.83
C ALA C 87 21.25 13.75 16.84
N MET C 88 21.20 13.04 17.96
CA MET C 88 21.87 11.74 18.12
C MET C 88 20.82 10.64 18.06
N TYR C 89 21.09 9.61 17.26
CA TYR C 89 20.17 8.51 17.06
C TYR C 89 20.79 7.23 17.58
N PHE C 90 20.21 6.69 18.64
CA PHE C 90 20.71 5.48 19.29
C PHE C 90 19.92 4.26 18.82
N CYS C 91 20.60 3.12 18.76
CA CYS C 91 19.99 1.85 18.37
C CYS C 91 20.20 0.85 19.49
N ALA C 92 19.10 0.42 20.11
CA ALA C 92 19.14 -0.58 21.17
C ALA C 92 18.50 -1.86 20.66
N SER C 93 19.06 -3.00 21.07
CA SER C 93 18.59 -4.30 20.59
C SER C 93 18.45 -5.25 21.78
N SER C 94 17.22 -5.38 22.28
CA SER C 94 16.92 -6.42 23.25
C SER C 94 16.73 -7.75 22.52
N LEU C 95 17.02 -8.84 23.23
CA LEU C 95 16.86 -10.17 22.64
C LEU C 95 15.41 -10.41 22.25
N ARG C 96 14.51 -10.33 23.22
CA ARG C 96 13.08 -10.40 22.96
C ARG C 96 12.42 -9.16 23.55
N TRP C 97 11.12 -9.01 23.24
CA TRP C 97 10.35 -7.89 23.75
C TRP C 97 10.18 -8.00 25.27
N GLY C 98 10.58 -6.93 25.95
CA GLY C 98 10.58 -6.89 27.38
C GLY C 98 11.89 -7.32 28.01
N ASP C 99 12.77 -7.95 27.23
CA ASP C 99 14.08 -8.33 27.74
C ASP C 99 15.00 -7.12 27.78
N GLU C 100 16.11 -7.28 28.52
CA GLU C 100 17.07 -6.19 28.67
C GLU C 100 17.67 -5.82 27.32
N GLN C 101 17.71 -4.52 27.05
CA GLN C 101 18.21 -4.01 25.79
C GLN C 101 19.65 -3.53 25.94
N TYR C 102 20.39 -3.57 24.83
CA TYR C 102 21.77 -3.12 24.78
C TYR C 102 21.88 -1.98 23.78
N PHE C 103 22.27 -0.81 24.26
CA PHE C 103 22.29 0.41 23.45
C PHE C 103 23.53 0.44 22.55
N GLY C 104 23.57 1.43 21.68
CA GLY C 104 24.62 1.56 20.69
C GLY C 104 25.49 2.77 20.87
N PRO C 105 26.60 2.83 20.13
CA PRO C 105 27.45 4.04 20.16
C PRO C 105 26.70 5.29 19.77
N GLY C 106 25.75 5.19 18.85
CA GLY C 106 24.98 6.35 18.41
C GLY C 106 25.59 7.01 17.19
N THR C 107 24.71 7.53 16.34
CA THR C 107 25.10 8.25 15.14
C THR C 107 24.92 9.74 15.36
N ARG C 108 25.96 10.51 15.05
CA ARG C 108 25.92 11.96 15.18
C ARG C 108 25.49 12.55 13.83
N LEU C 109 24.23 12.97 13.75
CA LEU C 109 23.71 13.64 12.57
C LEU C 109 23.59 15.12 12.85
N THR C 110 24.18 15.93 11.97
CA THR C 110 24.04 17.38 12.03
C THR C 110 23.59 17.88 10.66
N VAL C 111 22.39 18.43 10.60
CA VAL C 111 21.89 19.05 9.38
C VAL C 111 22.38 20.50 9.37
N VAL C 112 23.04 20.89 8.29
CA VAL C 112 23.64 22.21 8.17
C VAL C 112 22.84 23.04 7.18
N GLU C 113 22.81 24.36 7.43
CA GLU C 113 22.11 25.25 6.51
C GLU C 113 22.88 25.42 5.20
N ASP C 114 24.20 25.30 5.24
CA ASP C 114 25.03 25.44 4.04
C ASP C 114 26.28 24.61 4.23
N LEU C 115 26.60 23.77 3.23
CA LEU C 115 27.79 22.93 3.32
C LEU C 115 29.07 23.75 3.24
N ARG C 116 29.02 24.92 2.59
CA ARG C 116 30.20 25.79 2.51
C ARG C 116 30.63 26.26 3.90
N ASN C 117 29.70 26.35 4.84
CA ASN C 117 30.02 26.86 6.17
C ASN C 117 30.81 25.86 7.02
N VAL C 118 30.97 24.63 6.56
CA VAL C 118 31.78 23.66 7.29
C VAL C 118 33.24 24.06 7.21
N THR C 119 33.91 24.13 8.36
CA THR C 119 35.27 24.60 8.43
C THR C 119 35.96 23.93 9.61
N PRO C 120 37.17 23.39 9.42
CA PRO C 120 37.87 22.72 10.51
C PRO C 120 38.31 23.71 11.58
N PRO C 121 38.59 23.24 12.79
CA PRO C 121 38.99 24.17 13.86
C PRO C 121 40.42 24.69 13.70
N LYS C 122 40.84 25.53 14.64
CA LYS C 122 42.24 25.90 14.80
C LYS C 122 42.58 25.70 16.26
N VAL C 123 43.52 24.79 16.54
CA VAL C 123 43.90 24.43 17.89
C VAL C 123 45.15 25.22 18.27
N SER C 124 45.11 25.81 19.46
CA SER C 124 46.25 26.56 19.98
C SER C 124 46.45 26.20 21.45
N LEU C 125 47.70 25.98 21.82
CA LEU C 125 48.05 25.51 23.16
C LEU C 125 48.79 26.61 23.90
N ARG C 126 48.34 26.92 25.12
CA ARG C 126 48.88 28.01 25.91
C ARG C 126 49.57 27.45 27.14
N GLU C 127 50.84 27.81 27.32
CA GLU C 127 51.61 27.41 28.47
C GLU C 127 51.08 28.10 29.73
N PRO C 128 51.33 27.53 30.91
CA PRO C 128 50.80 28.12 32.14
C PRO C 128 51.52 29.41 32.50
N SER C 129 50.86 30.20 33.35
CA SER C 129 51.45 31.43 33.84
C SER C 129 52.47 31.12 34.93
N LYS C 130 53.61 31.84 34.89
CA LYS C 130 54.62 31.65 35.92
C LYS C 130 54.08 32.04 37.29
N ALA C 131 53.20 33.04 37.36
CA ALA C 131 52.60 33.42 38.62
C ALA C 131 51.80 32.27 39.23
N GLU C 132 51.15 31.47 38.37
CA GLU C 132 50.35 30.35 38.87
C GLU C 132 51.23 29.20 39.35
N ILE C 133 52.26 28.84 38.59
CA ILE C 133 53.13 27.75 39.00
C ILE C 133 53.91 28.12 40.26
N ALA C 134 54.21 29.41 40.44
CA ALA C 134 55.01 29.83 41.59
C ALA C 134 54.15 29.95 42.84
N ASN C 135 52.99 30.59 42.72
CA ASN C 135 52.13 30.81 43.88
C ASN C 135 51.31 29.58 44.24
N LYS C 136 51.15 28.62 43.31
CA LYS C 136 50.25 27.50 43.51
C LYS C 136 50.90 26.13 43.42
N GLN C 137 52.06 26.01 42.77
CA GLN C 137 52.75 24.72 42.61
C GLN C 137 51.86 23.70 41.89
N LYS C 138 51.05 24.19 40.96
CA LYS C 138 50.20 23.32 40.14
C LYS C 138 49.85 24.10 38.88
N ALA C 139 50.34 23.63 37.74
CA ALA C 139 50.22 24.34 36.47
C ALA C 139 49.04 23.83 35.66
N THR C 140 48.55 24.69 34.76
CA THR C 140 47.43 24.36 33.88
C THR C 140 47.77 24.78 32.45
N LEU C 141 47.57 23.86 31.51
CA LEU C 141 47.79 24.10 30.09
C LEU C 141 46.46 24.39 29.41
N GLN C 142 46.41 25.49 28.65
CA GLN C 142 45.19 25.91 27.98
C GLN C 142 45.21 25.49 26.52
N CYS C 143 44.16 24.81 26.09
CA CYS C 143 43.99 24.39 24.71
C CYS C 143 42.70 24.98 24.17
N GLN C 144 42.82 25.81 23.14
CA GLN C 144 41.67 26.52 22.57
C GLN C 144 41.46 26.05 21.13
N ALA C 145 40.44 25.22 20.93
CA ALA C 145 39.96 24.88 19.60
C ALA C 145 38.81 25.81 19.26
N ARG C 146 38.93 26.54 18.15
CA ARG C 146 37.94 27.56 17.82
C ARG C 146 37.81 27.68 16.31
N GLY C 147 36.73 28.32 15.88
CA GLY C 147 36.51 28.61 14.48
C GLY C 147 36.01 27.45 13.64
N PHE C 148 35.42 26.44 14.27
CA PHE C 148 34.95 25.26 13.55
C PHE C 148 33.43 25.24 13.47
N PHE C 149 32.93 24.38 12.59
CA PHE C 149 31.51 24.21 12.32
C PHE C 149 31.32 22.95 11.46
N PRO C 150 30.42 22.04 11.85
CA PRO C 150 29.60 22.11 13.07
C PRO C 150 30.29 21.56 14.31
N ASP C 151 29.54 21.42 15.40
CA ASP C 151 30.07 20.95 16.67
C ASP C 151 30.23 19.44 16.62
N HIS C 152 31.30 19.00 15.95
CA HIS C 152 31.64 17.58 15.81
C HIS C 152 33.11 17.39 16.20
N VAL C 153 33.41 17.57 17.48
CA VAL C 153 34.78 17.53 17.96
C VAL C 153 34.88 16.69 19.22
N GLU C 154 36.02 16.01 19.37
CA GLU C 154 36.39 15.30 20.58
C GLU C 154 37.81 15.71 20.95
N LEU C 155 37.96 16.46 22.04
CA LEU C 155 39.26 16.95 22.46
C LEU C 155 39.89 15.97 23.44
N SER C 156 41.16 15.63 23.21
CA SER C 156 41.89 14.72 24.06
C SER C 156 43.30 15.25 24.27
N TRP C 157 43.84 14.99 25.46
CA TRP C 157 45.20 15.38 25.81
C TRP C 157 46.15 14.21 25.63
N TRP C 158 47.42 14.52 25.37
CA TRP C 158 48.43 13.51 25.05
C TRP C 158 49.76 13.92 25.69
N VAL C 159 49.96 13.50 26.94
CA VAL C 159 51.25 13.70 27.58
C VAL C 159 52.18 12.55 27.18
N ASN C 160 53.41 12.90 26.83
CA ASN C 160 54.44 11.92 26.46
C ASN C 160 53.93 10.89 25.46
N GLY C 161 53.03 11.30 24.58
CA GLY C 161 52.47 10.41 23.58
C GLY C 161 51.42 9.44 24.09
N LYS C 162 50.99 9.57 25.34
CA LYS C 162 50.00 8.68 25.93
C LYS C 162 48.79 9.50 26.35
N GLU C 163 47.61 9.07 25.90
CA GLU C 163 46.38 9.78 26.23
C GLU C 163 46.09 9.68 27.72
N VAL C 164 45.67 10.79 28.30
CA VAL C 164 45.36 10.84 29.73
C VAL C 164 43.94 11.37 29.92
N HIS C 165 43.33 10.98 31.04
CA HIS C 165 42.03 11.49 31.45
C HIS C 165 42.07 12.09 32.85
N SER C 166 43.24 12.15 33.47
CA SER C 166 43.40 12.68 34.82
C SER C 166 44.00 14.07 34.75
N GLY C 167 43.36 15.03 35.41
CA GLY C 167 43.77 16.41 35.37
C GLY C 167 43.14 17.22 34.25
N VAL C 168 42.41 16.58 33.34
CA VAL C 168 41.77 17.27 32.24
C VAL C 168 40.50 17.95 32.72
N SER C 169 40.20 19.12 32.16
CA SER C 169 38.96 19.83 32.45
C SER C 169 38.38 20.34 31.13
N THR C 170 38.06 19.40 30.25
CA THR C 170 37.46 19.73 28.97
C THR C 170 36.08 20.33 29.19
N ASP C 171 35.76 21.39 28.43
CA ASP C 171 34.47 22.02 28.53
C ASP C 171 33.36 21.01 28.23
N PRO C 172 32.20 21.12 28.89
CA PRO C 172 31.12 20.18 28.65
C PRO C 172 30.58 20.25 27.23
N GLN C 173 30.26 21.46 26.77
CA GLN C 173 29.71 21.68 25.45
C GLN C 173 30.50 22.77 24.74
N ALA C 174 30.44 22.75 23.41
CA ALA C 174 31.08 23.80 22.62
C ALA C 174 30.26 25.08 22.72
N TYR C 175 30.97 26.21 22.84
CA TYR C 175 30.35 27.53 22.94
C TYR C 175 30.35 28.14 21.55
N LYS C 176 29.16 28.33 20.98
CA LYS C 176 29.05 28.88 19.63
C LYS C 176 29.22 30.40 19.69
N GLU C 177 30.32 30.89 19.13
CA GLU C 177 30.58 32.33 19.13
C GLU C 177 29.73 33.04 18.09
N SER C 178 29.73 32.54 16.86
CA SER C 178 28.95 33.11 15.76
C SER C 178 27.95 32.07 15.26
N ASN C 179 27.18 32.47 14.24
CA ASN C 179 26.16 31.58 13.69
C ASN C 179 26.79 30.34 13.06
N TYR C 180 27.98 30.47 12.48
CA TYR C 180 28.63 29.38 11.77
C TYR C 180 30.06 29.20 12.24
N SER C 181 30.28 29.37 13.55
CA SER C 181 31.63 29.21 14.12
C SER C 181 31.49 28.85 15.60
N TYR C 182 32.01 27.69 15.98
CA TYR C 182 31.99 27.23 17.36
C TYR C 182 33.39 27.27 17.94
N SER C 183 33.48 27.02 19.25
CA SER C 183 34.76 27.01 19.92
C SER C 183 34.69 26.12 21.16
N LEU C 184 35.83 25.52 21.50
CA LEU C 184 35.94 24.66 22.66
C LEU C 184 37.25 24.98 23.37
N SER C 185 37.32 24.59 24.65
CA SER C 185 38.53 24.84 25.44
C SER C 185 38.67 23.75 26.49
N SER C 186 39.91 23.45 26.84
CA SER C 186 40.21 22.45 27.85
C SER C 186 41.50 22.83 28.57
N ARG C 187 41.50 22.66 29.88
CA ARG C 187 42.68 22.94 30.71
C ARG C 187 43.16 21.66 31.35
N LEU C 188 44.49 21.54 31.48
CA LEU C 188 45.14 20.33 31.97
C LEU C 188 45.97 20.67 33.21
N ARG C 189 45.50 20.23 34.37
CA ARG C 189 46.26 20.41 35.61
C ARG C 189 47.53 19.57 35.58
N VAL C 190 48.68 20.22 35.77
CA VAL C 190 49.97 19.53 35.85
C VAL C 190 50.74 20.10 37.02
N SER C 191 51.44 19.23 37.74
CA SER C 191 52.29 19.67 38.84
C SER C 191 53.45 20.51 38.30
N ALA C 192 53.84 21.52 39.08
CA ALA C 192 54.86 22.46 38.60
C ALA C 192 56.19 21.76 38.34
N THR C 193 56.50 20.70 39.09
CA THR C 193 57.70 19.93 38.82
C THR C 193 57.61 19.23 37.47
N PHE C 194 56.44 18.70 37.14
CA PHE C 194 56.22 18.04 35.85
C PHE C 194 56.39 19.04 34.71
N TRP C 195 55.72 20.20 34.80
CA TRP C 195 55.84 21.19 33.74
C TRP C 195 57.26 21.74 33.63
N HIS C 196 58.00 21.76 34.75
CA HIS C 196 59.36 22.27 34.72
C HIS C 196 60.36 21.27 34.17
N ASN C 197 60.00 20.00 34.06
CA ASN C 197 60.86 19.04 33.39
C ASN C 197 60.81 19.29 31.90
N PRO C 198 61.91 19.71 31.26
CA PRO C 198 61.86 20.03 29.83
C PRO C 198 61.88 18.82 28.92
N ARG C 199 61.88 17.61 29.48
CA ARG C 199 61.87 16.38 28.70
C ARG C 199 60.48 15.84 28.45
N ASN C 200 59.44 16.57 28.85
CA ASN C 200 58.07 16.10 28.78
C ASN C 200 57.33 16.79 27.65
N HIS C 201 56.54 16.00 26.92
CA HIS C 201 55.82 16.48 25.74
C HIS C 201 54.33 16.50 26.04
N PHE C 202 53.74 17.69 26.01
CA PHE C 202 52.30 17.88 26.15
C PHE C 202 51.73 18.31 24.81
N ARG C 203 50.78 17.54 24.29
CA ARG C 203 50.12 17.89 23.05
C ARG C 203 48.61 17.76 23.23
N CYS C 204 47.90 18.83 22.92
CA CYS C 204 46.44 18.82 22.91
C CYS C 204 45.95 18.53 21.50
N GLN C 205 45.12 17.50 21.37
CA GLN C 205 44.64 17.04 20.08
C GLN C 205 43.12 17.22 19.99
N VAL C 206 42.66 17.85 18.92
CA VAL C 206 41.24 18.05 18.66
C VAL C 206 40.89 17.31 17.37
N GLN C 207 39.94 16.39 17.47
CA GLN C 207 39.49 15.59 16.34
C GLN C 207 38.23 16.20 15.77
N PHE C 208 38.18 16.36 14.44
CA PHE C 208 37.08 17.00 13.75
C PHE C 208 36.45 16.01 12.78
N HIS C 209 35.15 15.75 12.95
CA HIS C 209 34.40 14.87 12.06
C HIS C 209 33.65 15.76 11.08
N GLY C 210 34.22 15.91 9.89
CA GLY C 210 33.72 16.85 8.89
C GLY C 210 32.98 16.16 7.76
N LEU C 211 33.14 16.72 6.56
CA LEU C 211 32.42 16.21 5.40
C LEU C 211 32.87 14.81 5.04
N SER C 212 31.93 13.98 4.61
CA SER C 212 32.28 12.67 4.08
C SER C 212 32.88 12.82 2.68
N GLU C 213 33.66 11.82 2.29
CA GLU C 213 34.31 11.82 0.98
C GLU C 213 33.28 11.91 -0.14
N GLU C 214 32.17 11.17 0.00
CA GLU C 214 31.14 11.15 -1.02
C GLU C 214 30.59 12.55 -1.29
N ASP C 215 30.40 13.34 -0.23
CA ASP C 215 29.87 14.69 -0.40
C ASP C 215 30.80 15.52 -1.28
N LYS C 216 30.24 16.06 -2.36
CA LYS C 216 31.02 16.85 -3.30
C LYS C 216 31.40 18.19 -2.69
N TRP C 217 32.51 18.76 -3.18
CA TRP C 217 33.02 20.02 -2.65
C TRP C 217 33.51 20.90 -3.80
N PRO C 218 33.04 22.14 -3.90
CA PRO C 218 33.55 23.02 -4.96
C PRO C 218 34.91 23.60 -4.58
N GLU C 219 35.71 23.85 -5.61
CA GLU C 219 37.10 24.22 -5.43
C GLU C 219 37.21 25.63 -4.87
N GLY C 220 38.43 26.18 -4.90
CA GLY C 220 38.73 27.45 -4.28
C GLY C 220 39.14 27.36 -2.83
N SER C 221 38.99 26.19 -2.20
CA SER C 221 39.33 25.97 -0.80
C SER C 221 39.50 24.48 -0.59
N PRO C 222 40.34 24.06 0.36
CA PRO C 222 40.46 22.63 0.63
C PRO C 222 39.20 22.09 1.27
N LYS C 223 38.82 20.88 0.88
CA LYS C 223 37.63 20.25 1.40
C LYS C 223 37.77 20.06 2.91
N PRO C 224 36.77 20.46 3.71
CA PRO C 224 36.85 20.26 5.17
C PRO C 224 36.56 18.82 5.56
N VAL C 225 37.43 17.91 5.13
CA VAL C 225 37.26 16.50 5.44
C VAL C 225 37.58 16.25 6.91
N THR C 226 37.05 15.13 7.43
CA THR C 226 37.29 14.77 8.82
C THR C 226 38.77 14.56 9.07
N GLN C 227 39.26 15.07 10.19
CA GLN C 227 40.68 15.17 10.48
C GLN C 227 40.87 15.60 11.92
N ASN C 228 42.00 15.21 12.50
CA ASN C 228 42.38 15.63 13.85
C ASN C 228 43.66 16.45 13.74
N ILE C 229 43.59 17.71 14.19
CA ILE C 229 44.73 18.61 14.19
C ILE C 229 45.04 18.99 15.63
N SER C 230 46.32 19.15 15.93
CA SER C 230 46.78 19.29 17.31
C SER C 230 47.89 20.33 17.39
N ALA C 231 47.84 21.13 18.45
CA ALA C 231 48.92 22.06 18.79
C ALA C 231 49.70 21.46 19.96
N GLU C 232 51.01 21.31 19.76
CA GLU C 232 51.87 20.68 20.76
C GLU C 232 52.78 21.73 21.40
N ALA C 233 53.24 21.42 22.61
CA ALA C 233 54.13 22.29 23.34
C ALA C 233 55.02 21.45 24.26
N TRP C 234 56.29 21.81 24.32
CA TRP C 234 57.25 21.10 25.15
C TRP C 234 57.25 21.66 26.57
N GLY C 235 57.67 20.83 27.51
CA GLY C 235 57.91 21.31 28.85
C GLY C 235 59.13 22.21 28.90
N ARG C 236 59.08 23.20 29.77
CA ARG C 236 60.17 24.16 29.90
C ARG C 236 60.43 24.43 31.38
N ALA C 237 61.68 24.80 31.67
CA ALA C 237 62.13 25.02 33.04
C ALA C 237 62.51 26.48 33.25
N ASP C 238 62.63 26.84 34.54
CA ASP C 238 63.12 28.09 35.12
C ASP C 238 62.02 28.78 35.91
N GLY D 1 -25.24 -33.55 -4.77
CA GLY D 1 -24.92 -32.40 -3.94
C GLY D 1 -23.47 -32.00 -4.00
N PRO D 2 -23.14 -30.81 -3.46
CA PRO D 2 -21.74 -30.35 -3.47
C PRO D 2 -20.98 -30.94 -2.29
N HIS D 3 -19.79 -31.48 -2.57
CA HIS D 3 -18.93 -32.08 -1.57
C HIS D 3 -17.66 -31.26 -1.42
N SER D 4 -16.81 -31.67 -0.48
CA SER D 4 -15.57 -30.95 -0.22
C SER D 4 -14.56 -31.88 0.43
N LEU D 5 -13.29 -31.59 0.18
CA LEU D 5 -12.17 -32.31 0.79
C LEU D 5 -11.44 -31.36 1.73
N ARG D 6 -11.14 -31.82 2.94
CA ARG D 6 -10.42 -31.03 3.92
C ARG D 6 -9.48 -31.91 4.71
N TYR D 7 -8.35 -31.33 5.10
CA TYR D 7 -7.32 -32.02 5.88
C TYR D 7 -7.15 -31.32 7.22
N PHE D 8 -7.25 -32.10 8.31
CA PHE D 8 -7.05 -31.60 9.65
C PHE D 8 -5.65 -32.00 10.13
N VAL D 9 -4.84 -31.02 10.48
CA VAL D 9 -3.51 -31.24 11.02
C VAL D 9 -3.51 -30.80 12.48
N THR D 10 -2.94 -31.62 13.36
CA THR D 10 -2.88 -31.32 14.78
C THR D 10 -1.54 -31.77 15.33
N ALA D 11 -0.85 -30.86 16.03
CA ALA D 11 0.44 -31.16 16.66
C ALA D 11 0.40 -30.62 18.08
N VAL D 12 0.55 -31.52 19.06
CA VAL D 12 0.45 -31.16 20.47
C VAL D 12 1.83 -31.28 21.11
N SER D 13 2.35 -30.16 21.60
CA SER D 13 3.65 -30.16 22.25
C SER D 13 3.58 -30.91 23.58
N ARG D 14 4.56 -31.77 23.81
CA ARG D 14 4.66 -32.53 25.05
C ARG D 14 6.02 -32.27 25.70
N PRO D 15 6.06 -31.73 26.91
CA PRO D 15 7.34 -31.35 27.52
C PRO D 15 8.03 -32.54 28.21
N GLY D 16 9.20 -32.91 27.71
CA GLY D 16 9.97 -33.98 28.28
C GLY D 16 9.40 -35.37 28.10
N LEU D 17 8.16 -35.50 27.62
CA LEU D 17 7.53 -36.78 27.36
C LEU D 17 7.78 -37.29 25.96
N GLY D 18 8.82 -36.79 25.30
CA GLY D 18 9.08 -37.10 23.91
C GLY D 18 8.69 -35.93 23.00
N GLU D 19 8.87 -36.16 21.71
CA GLU D 19 8.54 -35.15 20.72
C GLU D 19 7.02 -34.97 20.64
N PRO D 20 6.57 -33.81 20.14
CA PRO D 20 5.13 -33.56 20.08
C PRO D 20 4.41 -34.57 19.18
N ARG D 21 3.25 -35.02 19.64
CA ARG D 21 2.42 -35.90 18.82
C ARG D 21 1.81 -35.10 17.68
N TYR D 22 2.12 -35.51 16.45
CA TYR D 22 1.64 -34.84 15.25
C TYR D 22 0.72 -35.80 14.51
N MET D 23 -0.52 -35.38 14.25
CA MET D 23 -1.48 -36.22 13.56
C MET D 23 -2.08 -35.48 12.38
N GLU D 24 -2.34 -36.23 11.30
CA GLU D 24 -2.87 -35.70 10.06
C GLU D 24 -4.08 -36.53 9.66
N VAL D 25 -5.23 -35.88 9.53
CA VAL D 25 -6.49 -36.57 9.23
C VAL D 25 -7.15 -35.89 8.04
N GLY D 26 -7.74 -36.69 7.16
CA GLY D 26 -8.42 -36.17 5.98
C GLY D 26 -9.89 -36.57 5.96
N TYR D 27 -10.74 -35.61 5.60
CA TYR D 27 -12.19 -35.81 5.57
C TYR D 27 -12.74 -35.46 4.19
N VAL D 28 -13.55 -36.35 3.64
CA VAL D 28 -14.39 -36.05 2.48
C VAL D 28 -15.80 -35.79 3.01
N ASP D 29 -16.31 -34.59 2.76
CA ASP D 29 -17.53 -34.11 3.40
C ASP D 29 -17.42 -34.27 4.91
N ASP D 30 -18.07 -35.29 5.47
CA ASP D 30 -17.94 -35.62 6.88
C ASP D 30 -17.44 -37.03 7.11
N THR D 31 -17.01 -37.72 6.06
CA THR D 31 -16.53 -39.09 6.14
C THR D 31 -15.02 -39.09 5.97
N GLU D 32 -14.30 -39.38 7.05
CA GLU D 32 -12.84 -39.42 6.98
C GLU D 32 -12.38 -40.67 6.25
N PHE D 33 -11.27 -40.54 5.54
CA PHE D 33 -10.80 -41.61 4.67
C PHE D 33 -9.37 -42.04 4.94
N VAL D 34 -8.47 -41.09 5.20
CA VAL D 34 -7.10 -41.41 5.60
C VAL D 34 -6.86 -40.83 6.99
N ARG D 35 -5.85 -41.39 7.66
CA ARG D 35 -5.51 -40.98 9.01
C ARG D 35 -4.03 -41.22 9.23
N PHE D 36 -3.42 -40.35 10.04
CA PHE D 36 -2.00 -40.44 10.34
C PHE D 36 -1.81 -40.01 11.79
N ASP D 37 -1.21 -40.88 12.60
CA ASP D 37 -0.88 -40.57 13.98
C ASP D 37 0.59 -40.88 14.18
N SER D 38 1.32 -39.92 14.76
CA SER D 38 2.74 -40.13 15.02
C SER D 38 2.96 -41.27 16.00
N ASP D 39 2.13 -41.36 17.03
CA ASP D 39 2.30 -42.36 18.09
C ASP D 39 1.59 -43.67 17.70
N ALA D 40 2.08 -44.26 16.61
CA ALA D 40 1.71 -45.61 16.22
C ALA D 40 2.98 -46.46 16.15
N GLU D 41 2.82 -47.77 16.28
CA GLU D 41 3.98 -48.66 16.26
C GLU D 41 4.75 -48.52 14.95
N ASN D 42 4.04 -48.38 13.85
CA ASN D 42 4.64 -47.98 12.57
C ASN D 42 3.90 -46.75 12.06
N PRO D 43 4.50 -45.57 12.10
CA PRO D 43 3.80 -44.36 11.63
C PRO D 43 3.53 -44.45 10.14
N ARG D 44 2.27 -44.33 9.77
CA ARG D 44 1.88 -44.53 8.38
C ARG D 44 0.56 -43.82 8.10
N TYR D 45 0.26 -43.66 6.81
CA TYR D 45 -1.02 -43.14 6.35
C TYR D 45 -2.02 -44.28 6.17
N GLU D 46 -2.33 -44.95 7.27
CA GLU D 46 -3.24 -46.07 7.22
C GLU D 46 -4.61 -45.61 6.74
N PRO D 47 -5.21 -46.28 5.77
CA PRO D 47 -6.54 -45.87 5.31
C PRO D 47 -7.58 -46.04 6.40
N ARG D 48 -8.52 -45.10 6.45
CA ARG D 48 -9.62 -45.14 7.40
C ARG D 48 -10.96 -45.42 6.73
N ALA D 49 -10.99 -45.58 5.41
CA ALA D 49 -12.20 -45.87 4.67
C ALA D 49 -11.99 -47.12 3.82
N ARG D 50 -13.04 -47.54 3.11
CA ARG D 50 -13.05 -48.80 2.38
C ARG D 50 -12.52 -48.66 0.96
N TRP D 51 -12.99 -47.66 0.23
CA TRP D 51 -12.49 -47.42 -1.13
C TRP D 51 -11.02 -47.01 -1.17
N MET D 52 -10.40 -46.82 0.00
CA MET D 52 -9.03 -46.32 0.05
C MET D 52 -8.00 -47.41 -0.22
N GLU D 53 -8.33 -48.68 0.04
CA GLU D 53 -7.36 -49.75 -0.15
C GLU D 53 -7.04 -50.05 -1.61
N GLN D 54 -7.82 -49.52 -2.56
CA GLN D 54 -7.46 -49.68 -3.96
C GLN D 54 -6.42 -48.66 -4.43
N GLU D 55 -5.99 -47.77 -3.55
CA GLU D 55 -4.97 -46.81 -3.91
C GLU D 55 -3.65 -47.53 -4.11
N CYS D 56 -2.89 -47.10 -5.10
CA CYS D 56 -1.63 -47.73 -5.45
C CYS D 56 -0.69 -47.74 -4.24
N PRO D 57 0.15 -48.78 -4.11
CA PRO D 57 1.06 -48.84 -2.95
C PRO D 57 1.98 -47.64 -2.83
N GLU D 58 2.38 -47.06 -3.96
CA GLU D 58 3.28 -45.91 -3.91
C GLU D 58 2.57 -44.66 -3.41
N TYR D 59 1.25 -44.57 -3.61
CA TYR D 59 0.47 -43.51 -2.97
C TYR D 59 0.64 -43.54 -1.47
N TRP D 60 0.40 -44.71 -0.85
CA TRP D 60 0.60 -44.82 0.59
C TRP D 60 2.04 -44.46 0.96
N GLU D 61 3.01 -44.90 0.17
CA GLU D 61 4.39 -44.51 0.43
C GLU D 61 4.59 -43.01 0.22
N ARG D 62 3.87 -42.41 -0.73
CA ARG D 62 4.03 -40.98 -1.00
C ARG D 62 3.49 -40.14 0.15
N GLU D 63 2.28 -40.45 0.63
CA GLU D 63 1.68 -39.66 1.69
C GLU D 63 2.43 -39.82 3.01
N THR D 64 2.88 -41.04 3.31
CA THR D 64 3.68 -41.25 4.52
C THR D 64 4.98 -40.45 4.45
N GLN D 65 5.58 -40.35 3.27
CA GLN D 65 6.81 -39.60 3.12
C GLN D 65 6.60 -38.11 3.34
N LYS D 66 5.44 -37.59 2.96
CA LYS D 66 5.19 -36.16 3.09
C LYS D 66 4.84 -35.79 4.53
N ALA D 67 4.04 -36.62 5.22
CA ALA D 67 3.58 -36.28 6.56
C ALA D 67 4.74 -36.12 7.53
N LYS D 68 5.77 -36.97 7.39
CA LYS D 68 6.93 -36.87 8.29
C LYS D 68 7.63 -35.53 8.12
N GLY D 69 7.66 -35.00 6.90
CA GLY D 69 8.27 -33.70 6.68
C GLY D 69 7.52 -32.57 7.36
N ASN D 70 6.18 -32.63 7.32
CA ASN D 70 5.38 -31.61 7.99
C ASN D 70 5.55 -31.66 9.50
N GLU D 71 5.74 -32.85 10.07
CA GLU D 71 5.95 -32.96 11.51
C GLU D 71 7.21 -32.20 11.93
N GLN D 72 8.31 -32.38 11.20
CA GLN D 72 9.54 -31.65 11.51
C GLN D 72 9.34 -30.16 11.39
N SER D 73 8.61 -29.72 10.35
CA SER D 73 8.32 -28.29 10.20
C SER D 73 7.44 -27.80 11.33
N PHE D 74 6.43 -28.59 11.72
CA PHE D 74 5.54 -28.15 12.80
C PHE D 74 6.22 -28.23 14.15
N ARG D 75 7.17 -29.14 14.34
CA ARG D 75 7.97 -29.13 15.56
C ARG D 75 8.72 -27.81 15.69
N VAL D 76 9.32 -27.34 14.59
CA VAL D 76 10.02 -26.06 14.62
C VAL D 76 9.03 -24.93 14.88
N ASP D 77 7.84 -24.99 14.26
CA ASP D 77 6.85 -23.93 14.44
C ASP D 77 6.42 -23.81 15.88
N LEU D 78 6.33 -24.93 16.60
CA LEU D 78 6.05 -24.87 18.03
C LEU D 78 7.18 -24.16 18.77
N ARG D 79 8.41 -24.59 18.53
CA ARG D 79 9.56 -23.89 19.11
C ARG D 79 9.65 -22.46 18.60
N THR D 80 9.18 -22.22 17.36
CA THR D 80 9.19 -20.86 16.82
C THR D 80 8.13 -20.00 17.48
N LEU D 81 6.88 -20.47 17.50
CA LEU D 81 5.79 -19.72 18.11
C LEU D 81 6.00 -19.51 19.61
N LEU D 82 6.90 -20.26 20.23
CA LEU D 82 7.22 -20.01 21.64
C LEU D 82 7.87 -18.64 21.82
N GLY D 83 8.89 -18.35 21.01
CA GLY D 83 9.55 -17.05 21.10
C GLY D 83 8.67 -15.91 20.63
N TYR D 84 7.75 -16.19 19.69
CA TYR D 84 6.83 -15.16 19.23
C TYR D 84 5.95 -14.66 20.37
N TYR D 85 5.34 -15.57 21.11
CA TYR D 85 4.47 -15.22 22.23
C TYR D 85 5.21 -15.16 23.56
N ASN D 86 6.52 -15.45 23.56
CA ASN D 86 7.37 -15.32 24.75
C ASN D 86 6.86 -16.18 25.92
N GLN D 87 6.27 -17.33 25.61
CA GLN D 87 5.78 -18.21 26.65
C GLN D 87 6.92 -18.96 27.31
N SER D 88 6.64 -19.50 28.49
CA SER D 88 7.62 -20.31 29.20
C SER D 88 7.68 -21.71 28.62
N LYS D 89 8.85 -22.33 28.69
CA LYS D 89 9.03 -23.67 28.18
C LYS D 89 8.34 -24.68 29.09
N GLY D 90 8.41 -25.95 28.69
CA GLY D 90 7.88 -27.02 29.51
C GLY D 90 6.37 -27.04 29.64
N GLY D 91 5.65 -26.69 28.57
CA GLY D 91 4.21 -26.69 28.59
C GLY D 91 3.64 -27.43 27.39
N SER D 92 2.38 -27.83 27.52
CA SER D 92 1.68 -28.53 26.46
C SER D 92 0.92 -27.52 25.61
N HIS D 93 1.26 -27.46 24.32
CA HIS D 93 0.65 -26.52 23.39
C HIS D 93 0.21 -27.26 22.14
N THR D 94 -0.86 -26.77 21.51
CA THR D 94 -1.47 -27.42 20.36
C THR D 94 -1.55 -26.44 19.21
N ILE D 95 -0.99 -26.83 18.07
CA ILE D 95 -1.16 -26.12 16.80
C ILE D 95 -2.02 -27.00 15.91
N GLN D 96 -3.17 -26.48 15.50
CA GLN D 96 -4.12 -27.22 14.66
C GLN D 96 -4.50 -26.35 13.47
N VAL D 97 -4.26 -26.85 12.26
CA VAL D 97 -4.58 -26.15 11.03
C VAL D 97 -5.50 -27.04 10.19
N ILE D 98 -6.56 -26.45 9.67
CA ILE D 98 -7.46 -27.14 8.75
C ILE D 98 -7.30 -26.50 7.38
N SER D 99 -7.13 -27.34 6.37
CA SER D 99 -6.87 -26.88 5.00
C SER D 99 -7.61 -27.78 4.03
N GLY D 100 -8.49 -27.18 3.23
CA GLY D 100 -9.25 -27.94 2.26
C GLY D 100 -9.92 -27.01 1.28
N CYS D 101 -10.53 -27.64 0.28
CA CYS D 101 -11.24 -26.92 -0.78
C CYS D 101 -12.65 -27.49 -0.93
N GLU D 102 -13.58 -26.61 -1.29
CA GLU D 102 -14.97 -26.99 -1.53
C GLU D 102 -15.29 -26.75 -2.99
N VAL D 103 -15.92 -27.73 -3.62
CA VAL D 103 -16.28 -27.67 -5.03
C VAL D 103 -17.65 -28.30 -5.22
N GLY D 104 -18.49 -27.64 -6.01
CA GLY D 104 -19.84 -28.12 -6.25
C GLY D 104 -19.89 -29.18 -7.35
N SER D 105 -21.11 -29.40 -7.84
CA SER D 105 -21.30 -30.37 -8.93
C SER D 105 -20.71 -29.85 -10.24
N ASP D 106 -20.72 -28.52 -10.44
CA ASP D 106 -20.30 -27.93 -11.70
C ASP D 106 -18.79 -28.05 -11.95
N GLY D 107 -18.01 -28.40 -10.94
CA GLY D 107 -16.58 -28.58 -11.09
C GLY D 107 -15.76 -27.37 -10.66
N ARG D 108 -16.30 -26.17 -10.75
CA ARG D 108 -15.62 -25.00 -10.24
C ARG D 108 -15.59 -25.04 -8.72
N LEU D 109 -14.41 -24.77 -8.14
CA LEU D 109 -14.32 -24.72 -6.69
C LEU D 109 -15.08 -23.51 -6.17
N LEU D 110 -16.04 -23.75 -5.27
CA LEU D 110 -16.84 -22.66 -4.75
C LEU D 110 -16.05 -21.80 -3.77
N ARG D 111 -15.12 -22.41 -3.03
CA ARG D 111 -14.52 -21.77 -1.88
C ARG D 111 -13.34 -22.61 -1.42
N GLY D 112 -12.24 -21.93 -1.08
CA GLY D 112 -11.07 -22.61 -0.54
C GLY D 112 -10.58 -21.94 0.73
N TYR D 113 -10.29 -22.75 1.75
CA TYR D 113 -9.94 -22.21 3.07
C TYR D 113 -8.70 -22.90 3.61
N GLN D 114 -7.93 -22.12 4.38
CA GLN D 114 -6.82 -22.64 5.16
C GLN D 114 -6.73 -21.80 6.43
N GLN D 115 -6.94 -22.42 7.58
CA GLN D 115 -7.07 -21.70 8.84
C GLN D 115 -6.12 -22.29 9.88
N TYR D 116 -5.38 -21.41 10.56
CA TYR D 116 -4.45 -21.80 11.59
C TYR D 116 -4.98 -21.38 12.95
N ALA D 117 -4.76 -22.23 13.96
CA ALA D 117 -5.17 -21.94 15.33
C ALA D 117 -4.07 -22.36 16.29
N TYR D 118 -3.86 -21.55 17.32
CA TYR D 118 -2.81 -21.80 18.30
C TYR D 118 -3.45 -21.81 19.69
N ASP D 119 -3.38 -22.96 20.36
CA ASP D 119 -3.90 -23.12 21.73
C ASP D 119 -5.39 -22.78 21.82
N GLY D 120 -6.13 -23.12 20.76
CA GLY D 120 -7.56 -22.98 20.77
C GLY D 120 -8.11 -21.65 20.30
N GLN D 121 -7.26 -20.73 19.88
CA GLN D 121 -7.70 -19.43 19.37
C GLN D 121 -7.07 -19.18 18.02
N ASP D 122 -7.76 -18.38 17.21
CA ASP D 122 -7.31 -18.11 15.85
C ASP D 122 -5.96 -17.40 15.86
N TYR D 123 -5.08 -17.81 14.94
CA TYR D 123 -3.76 -17.22 14.80
C TYR D 123 -3.62 -16.52 13.46
N ILE D 124 -3.63 -17.27 12.35
CA ILE D 124 -3.59 -16.69 11.01
C ILE D 124 -4.51 -17.51 10.11
N ALA D 125 -4.96 -16.87 9.04
CA ALA D 125 -5.90 -17.51 8.13
C ALA D 125 -5.82 -16.85 6.77
N LEU D 126 -5.96 -17.66 5.71
CA LEU D 126 -5.97 -17.15 4.35
C LEU D 126 -7.38 -16.72 3.99
N ASN D 127 -7.52 -15.49 3.50
CA ASN D 127 -8.83 -14.97 3.13
C ASN D 127 -9.41 -15.77 1.96
N GLU D 128 -10.72 -15.58 1.75
CA GLU D 128 -11.42 -16.29 0.70
C GLU D 128 -11.21 -15.66 -0.67
N ASP D 129 -10.41 -14.59 -0.75
CA ASP D 129 -9.92 -14.11 -2.03
C ASP D 129 -8.64 -14.82 -2.47
N LEU D 130 -8.04 -15.61 -1.57
CA LEU D 130 -6.88 -16.46 -1.86
C LEU D 130 -5.64 -15.66 -2.23
N LYS D 131 -5.60 -14.37 -1.88
CA LYS D 131 -4.43 -13.54 -2.14
C LYS D 131 -3.85 -12.90 -0.88
N THR D 132 -4.67 -12.56 0.10
CA THR D 132 -4.23 -11.85 1.30
C THR D 132 -4.47 -12.70 2.53
N TRP D 133 -3.67 -12.46 3.56
CA TRP D 133 -3.80 -13.13 4.85
C TRP D 133 -4.48 -12.21 5.86
N THR D 134 -5.23 -12.81 6.77
CA THR D 134 -5.84 -12.11 7.90
C THR D 134 -5.17 -12.60 9.16
N ALA D 135 -4.45 -11.70 9.84
CA ALA D 135 -3.70 -12.04 11.03
C ALA D 135 -4.47 -11.61 12.27
N ALA D 136 -4.48 -12.48 13.29
CA ALA D 136 -5.36 -12.29 14.43
C ALA D 136 -4.77 -11.35 15.48
N ASP D 137 -3.45 -11.25 15.57
CA ASP D 137 -2.84 -10.45 16.64
C ASP D 137 -1.48 -9.95 16.18
N MET D 138 -0.69 -9.48 17.15
CA MET D 138 0.63 -8.93 16.84
C MET D 138 1.62 -10.02 16.45
N ALA D 139 1.54 -11.18 17.10
CA ALA D 139 2.45 -12.28 16.76
C ALA D 139 2.14 -12.85 15.39
N ALA D 140 0.90 -12.72 14.93
CA ALA D 140 0.53 -13.26 13.63
C ALA D 140 1.03 -12.39 12.48
N LEU D 141 1.21 -11.10 12.72
CA LEU D 141 1.84 -10.24 11.72
C LEU D 141 3.24 -10.73 11.36
N ILE D 142 3.90 -11.42 12.30
CA ILE D 142 5.22 -11.97 12.02
C ILE D 142 5.11 -13.07 10.97
N THR D 143 4.22 -14.04 11.20
CA THR D 143 4.02 -15.11 10.23
C THR D 143 3.49 -14.57 8.90
N LYS D 144 2.54 -13.63 8.97
CA LYS D 144 2.02 -13.01 7.76
C LYS D 144 3.13 -12.35 6.95
N HIS D 145 4.03 -11.63 7.62
CA HIS D 145 5.14 -10.99 6.93
C HIS D 145 6.07 -12.03 6.30
N LYS D 146 6.31 -13.14 7.01
CA LYS D 146 7.18 -14.18 6.48
C LYS D 146 6.58 -14.81 5.22
N TRP D 147 5.28 -15.08 5.23
CA TRP D 147 4.64 -15.70 4.08
C TRP D 147 4.43 -14.72 2.93
N GLU D 148 4.29 -13.43 3.23
CA GLU D 148 4.07 -12.45 2.18
C GLU D 148 5.30 -12.29 1.29
N GLN D 149 6.49 -12.52 1.84
CA GLN D 149 7.72 -12.37 1.06
C GLN D 149 8.10 -13.63 0.29
N ALA D 150 7.82 -14.81 0.84
CA ALA D 150 8.24 -16.07 0.23
C ALA D 150 7.24 -16.61 -0.78
N GLY D 151 6.15 -15.89 -1.04
CA GLY D 151 5.15 -16.40 -1.98
C GLY D 151 4.42 -17.62 -1.48
N GLU D 152 4.04 -17.63 -0.19
CA GLU D 152 3.29 -18.76 0.34
C GLU D 152 1.84 -18.71 -0.14
N ALA D 153 1.27 -17.51 -0.25
CA ALA D 153 -0.10 -17.38 -0.75
C ALA D 153 -0.23 -17.95 -2.17
N GLU D 154 0.74 -17.63 -3.03
CA GLU D 154 0.72 -18.17 -4.39
C GLU D 154 0.91 -19.68 -4.39
N ARG D 155 1.84 -20.16 -3.57
CA ARG D 155 2.10 -21.60 -3.48
C ARG D 155 0.91 -22.34 -2.89
N LEU D 156 0.25 -21.75 -1.89
CA LEU D 156 -0.91 -22.37 -1.28
C LEU D 156 -2.13 -22.30 -2.19
N ARG D 157 -2.28 -21.18 -2.91
CA ARG D 157 -3.39 -21.03 -3.85
C ARG D 157 -3.33 -22.11 -4.93
N ALA D 158 -2.13 -22.45 -5.39
CA ALA D 158 -1.99 -23.50 -6.38
C ALA D 158 -2.48 -24.85 -5.87
N TYR D 159 -2.34 -25.10 -4.57
CA TYR D 159 -2.85 -26.35 -3.99
C TYR D 159 -4.37 -26.37 -3.99
N LEU D 160 -5.00 -25.33 -3.43
CA LEU D 160 -6.45 -25.30 -3.35
C LEU D 160 -7.09 -25.34 -4.74
N GLU D 161 -6.58 -24.51 -5.66
CA GLU D 161 -7.12 -24.48 -7.01
C GLU D 161 -6.69 -25.68 -7.84
N GLY D 162 -5.63 -26.38 -7.43
CA GLY D 162 -5.10 -27.47 -8.22
C GLY D 162 -5.18 -28.82 -7.54
N THR D 163 -4.13 -29.18 -6.79
CA THR D 163 -4.02 -30.52 -6.24
C THR D 163 -5.22 -30.90 -5.39
N CYS D 164 -5.85 -29.92 -4.74
CA CYS D 164 -6.97 -30.23 -3.85
C CYS D 164 -8.21 -30.66 -4.63
N VAL D 165 -8.55 -29.94 -5.70
CA VAL D 165 -9.78 -30.26 -6.43
C VAL D 165 -9.59 -31.51 -7.29
N GLU D 166 -8.40 -31.72 -7.84
CA GLU D 166 -8.17 -32.90 -8.67
C GLU D 166 -8.34 -34.19 -7.85
N TRP D 167 -7.77 -34.22 -6.66
CA TRP D 167 -7.85 -35.42 -5.83
C TRP D 167 -9.18 -35.55 -5.11
N LEU D 168 -9.94 -34.45 -4.97
CA LEU D 168 -11.34 -34.59 -4.57
C LEU D 168 -12.12 -35.40 -5.60
N ARG D 169 -11.79 -35.23 -6.89
CA ARG D 169 -12.46 -35.99 -7.94
C ARG D 169 -12.12 -37.48 -7.82
N ARG D 170 -10.82 -37.80 -7.76
CA ARG D 170 -10.41 -39.20 -7.68
C ARG D 170 -10.99 -39.88 -6.44
N TYR D 171 -11.04 -39.16 -5.33
CA TYR D 171 -11.62 -39.74 -4.11
C TYR D 171 -13.12 -39.94 -4.27
N LEU D 172 -13.81 -39.02 -4.93
CA LEU D 172 -15.24 -39.19 -5.18
C LEU D 172 -15.49 -40.33 -6.16
N LYS D 173 -14.63 -40.46 -7.18
CA LYS D 173 -14.79 -41.56 -8.14
C LYS D 173 -14.56 -42.90 -7.46
N ASN D 174 -13.56 -42.99 -6.57
CA ASN D 174 -13.33 -44.22 -5.83
C ASN D 174 -14.51 -44.55 -4.92
N GLY D 175 -15.25 -43.53 -4.49
CA GLY D 175 -16.34 -43.75 -3.55
C GLY D 175 -17.55 -44.43 -4.16
N ASN D 176 -17.79 -44.22 -5.45
CA ASN D 176 -18.96 -44.75 -6.13
C ASN D 176 -18.50 -45.58 -7.34
N ALA D 177 -17.88 -46.72 -7.06
CA ALA D 177 -17.44 -47.64 -8.11
C ALA D 177 -17.15 -49.02 -7.53
N ARG E 1 -5.41 -34.61 -1.47
CA ARG E 1 -4.17 -35.36 -1.35
C ARG E 1 -3.42 -35.00 -0.06
N GLY E 2 -3.52 -33.74 0.33
CA GLY E 2 -2.82 -33.27 1.52
C GLY E 2 -1.83 -32.16 1.19
N TYR E 3 -1.79 -31.14 2.04
CA TYR E 3 -0.95 -29.97 1.78
C TYR E 3 0.42 -30.14 2.42
N LEU E 4 1.46 -29.71 1.69
CA LEU E 4 2.80 -29.64 2.25
C LEU E 4 2.94 -28.34 3.01
N TYR E 5 3.48 -28.42 4.22
CA TYR E 5 3.58 -27.27 5.12
C TYR E 5 5.03 -26.86 5.32
N GLN E 6 5.24 -25.57 5.50
CA GLN E 6 6.56 -25.01 5.78
C GLN E 6 6.45 -24.04 6.95
N GLY E 7 7.57 -23.42 7.29
CA GLY E 7 7.70 -22.72 8.56
C GLY E 7 6.76 -21.54 8.72
N LEU E 8 6.63 -21.10 9.97
CA LEU E 8 5.84 -19.93 10.32
C LEU E 8 6.75 -18.76 10.67
N SER F 2 23.22 -6.72 -9.85
CA SER F 2 21.98 -6.88 -10.59
C SER F 2 21.00 -7.76 -9.82
N GLY F 3 21.36 -9.04 -9.66
CA GLY F 3 20.50 -10.00 -9.00
C GLY F 3 20.32 -11.26 -9.81
N VAL F 4 19.18 -11.92 -9.66
CA VAL F 4 18.90 -13.13 -10.43
C VAL F 4 18.79 -12.78 -11.91
N VAL F 5 19.45 -13.56 -12.76
CA VAL F 5 19.47 -13.35 -14.19
C VAL F 5 18.62 -14.43 -14.85
N GLN F 6 17.70 -14.02 -15.72
CA GLN F 6 16.79 -14.92 -16.39
C GLN F 6 16.83 -14.62 -17.88
N SER F 7 17.11 -15.64 -18.69
CA SER F 7 17.36 -15.44 -20.11
C SER F 7 16.96 -16.70 -20.87
N PRO F 8 16.59 -16.56 -22.16
CA PRO F 8 16.44 -15.30 -22.90
C PRO F 8 15.16 -14.57 -22.52
N ARG F 9 15.10 -13.25 -22.73
CA ARG F 9 13.99 -12.48 -22.23
C ARG F 9 12.77 -12.51 -23.14
N HIS F 10 12.92 -12.92 -24.40
CA HIS F 10 11.82 -13.01 -25.33
C HIS F 10 11.95 -14.27 -26.18
N ILE F 11 10.83 -14.96 -26.41
CA ILE F 11 10.82 -16.22 -27.14
C ILE F 11 9.54 -16.28 -27.98
N ILE F 12 9.69 -16.69 -29.24
CA ILE F 12 8.56 -16.93 -30.14
C ILE F 12 8.70 -18.35 -30.68
N LYS F 13 7.60 -19.11 -30.64
CA LYS F 13 7.65 -20.52 -30.99
C LYS F 13 6.34 -20.95 -31.65
N GLU F 14 6.44 -21.94 -32.52
CA GLU F 14 5.27 -22.57 -33.11
C GLU F 14 4.62 -23.50 -32.11
N LYS F 15 3.30 -23.67 -32.24
CA LYS F 15 2.60 -24.65 -31.44
C LYS F 15 3.14 -26.04 -31.72
N GLY F 16 3.54 -26.74 -30.67
CA GLY F 16 4.17 -28.04 -30.80
C GLY F 16 5.69 -28.01 -30.75
N GLY F 17 6.30 -26.84 -30.68
CA GLY F 17 7.74 -26.74 -30.58
C GLY F 17 8.23 -27.02 -29.17
N ARG F 18 9.52 -26.75 -28.97
CA ARG F 18 10.15 -26.93 -27.66
C ARG F 18 11.03 -25.74 -27.37
N SER F 19 11.09 -25.36 -26.09
CA SER F 19 11.86 -24.19 -25.66
C SER F 19 12.57 -24.51 -24.36
N VAL F 20 13.64 -23.76 -24.09
CA VAL F 20 14.39 -23.88 -22.86
C VAL F 20 14.50 -22.50 -22.23
N LEU F 21 14.48 -22.48 -20.89
CA LEU F 21 14.62 -21.25 -20.13
C LEU F 21 15.75 -21.41 -19.12
N THR F 22 16.46 -20.32 -18.86
CA THR F 22 17.61 -20.34 -17.97
C THR F 22 17.45 -19.28 -16.91
N CYS F 23 17.77 -19.64 -15.67
CA CYS F 23 17.72 -18.73 -14.53
C CYS F 23 19.02 -18.85 -13.74
N ILE F 24 19.64 -17.70 -13.47
CA ILE F 24 20.82 -17.65 -12.62
C ILE F 24 20.37 -17.14 -11.26
N PRO F 25 20.20 -18.00 -10.27
CA PRO F 25 19.87 -17.52 -8.92
C PRO F 25 21.09 -16.93 -8.25
N ILE F 26 20.83 -16.02 -7.31
CA ILE F 26 21.90 -15.36 -6.59
C ILE F 26 22.72 -16.40 -5.82
N SER F 27 24.04 -16.23 -5.82
CA SER F 27 24.94 -17.19 -5.20
C SER F 27 24.60 -17.35 -3.72
N GLY F 28 24.54 -18.60 -3.26
CA GLY F 28 24.22 -18.92 -1.89
C GLY F 28 22.75 -19.19 -1.64
N HIS F 29 21.86 -18.62 -2.46
CA HIS F 29 20.43 -18.83 -2.28
C HIS F 29 20.07 -20.30 -2.52
N SER F 30 19.37 -20.89 -1.56
CA SER F 30 18.99 -22.30 -1.64
C SER F 30 17.58 -22.50 -2.16
N ASN F 31 16.73 -21.48 -2.13
CA ASN F 31 15.36 -21.56 -2.63
C ASN F 31 15.32 -21.03 -4.05
N VAL F 32 14.77 -21.84 -4.96
CA VAL F 32 14.60 -21.45 -6.36
C VAL F 32 13.21 -21.90 -6.78
N VAL F 33 12.34 -20.95 -7.08
CA VAL F 33 10.96 -21.24 -7.47
C VAL F 33 10.67 -20.53 -8.78
N TRP F 34 9.96 -21.20 -9.67
CA TRP F 34 9.55 -20.64 -10.95
C TRP F 34 8.08 -20.28 -10.89
N TYR F 35 7.72 -19.15 -11.49
CA TYR F 35 6.35 -18.69 -11.55
C TYR F 35 5.93 -18.49 -13.00
N GLN F 36 4.63 -18.65 -13.25
CA GLN F 36 4.02 -18.34 -14.53
C GLN F 36 2.95 -17.29 -14.31
N GLN F 37 2.99 -16.22 -15.09
CA GLN F 37 2.01 -15.14 -15.02
C GLN F 37 1.50 -14.87 -16.42
N THR F 38 0.22 -15.17 -16.65
CA THR F 38 -0.39 -14.85 -17.93
C THR F 38 -0.69 -13.36 -18.01
N LEU F 39 -1.05 -12.91 -19.22
CA LEU F 39 -1.10 -11.47 -19.48
C LEU F 39 -2.17 -10.78 -18.64
N GLY F 40 -3.34 -11.41 -18.50
CA GLY F 40 -4.29 -10.94 -17.51
C GLY F 40 -3.68 -11.07 -16.14
N LYS F 41 -3.52 -9.95 -15.44
CA LYS F 41 -2.64 -9.93 -14.27
C LYS F 41 -3.13 -10.90 -13.20
N GLU F 42 -2.19 -11.68 -12.68
CA GLU F 42 -2.42 -12.73 -11.68
C GLU F 42 -1.06 -13.39 -11.49
N LEU F 43 -0.99 -14.43 -10.68
CA LEU F 43 0.27 -15.16 -10.56
C LEU F 43 -0.03 -16.61 -10.21
N LYS F 44 0.45 -17.53 -11.05
CA LYS F 44 0.30 -18.96 -10.85
C LYS F 44 1.65 -19.54 -10.45
N PHE F 45 1.71 -20.13 -9.27
CA PHE F 45 2.90 -20.84 -8.85
C PHE F 45 3.14 -22.05 -9.75
N LEU F 46 4.39 -22.27 -10.14
CA LEU F 46 4.75 -23.38 -11.01
C LEU F 46 5.44 -24.49 -10.23
N ILE F 47 6.65 -24.25 -9.71
CA ILE F 47 7.42 -25.29 -9.05
C ILE F 47 8.41 -24.62 -8.12
N GLN F 48 8.89 -25.38 -7.12
CA GLN F 48 9.84 -24.86 -6.15
C GLN F 48 10.92 -25.90 -5.93
N HIS F 49 12.17 -25.47 -6.01
CA HIS F 49 13.33 -26.34 -5.79
C HIS F 49 14.17 -25.75 -4.67
N TYR F 50 14.39 -26.53 -3.61
CA TYR F 50 15.21 -26.12 -2.49
C TYR F 50 16.55 -26.86 -2.55
N GLU F 51 17.64 -26.10 -2.62
CA GLU F 51 18.99 -26.63 -2.59
C GLU F 51 19.16 -27.76 -3.62
N LYS F 52 18.79 -27.45 -4.86
CA LYS F 52 18.91 -28.38 -5.99
C LYS F 52 18.05 -29.63 -5.79
N VAL F 53 16.96 -29.50 -5.05
CA VAL F 53 16.04 -30.62 -4.81
C VAL F 53 14.62 -30.07 -4.81
N GLU F 54 13.72 -30.76 -5.53
CA GLU F 54 12.32 -30.36 -5.55
C GLU F 54 11.71 -30.48 -4.16
N ARG F 55 11.03 -29.41 -3.72
CA ARG F 55 10.35 -29.40 -2.44
C ARG F 55 8.85 -29.22 -2.54
N ASP F 56 8.33 -28.63 -3.62
CA ASP F 56 6.90 -28.48 -3.81
C ASP F 56 6.64 -28.17 -5.28
N LYS F 57 5.54 -28.73 -5.81
CA LYS F 57 5.20 -28.57 -7.22
C LYS F 57 3.68 -28.45 -7.35
N GLY F 58 3.24 -27.55 -8.23
CA GLY F 58 1.83 -27.38 -8.51
C GLY F 58 1.55 -26.42 -9.65
N PHE F 59 0.49 -26.69 -10.41
CA PHE F 59 0.05 -25.90 -11.57
C PHE F 59 1.00 -25.99 -12.76
N LEU F 60 1.97 -26.91 -12.74
CA LEU F 60 2.89 -27.05 -13.85
C LEU F 60 2.52 -28.27 -14.68
N PRO F 61 2.45 -28.14 -16.01
CA PRO F 61 2.03 -29.27 -16.84
C PRO F 61 3.15 -30.30 -16.99
N CYS F 62 2.74 -31.53 -17.30
CA CYS F 62 3.68 -32.64 -17.37
C CYS F 62 4.68 -32.46 -18.51
N ARG F 63 4.32 -31.72 -19.56
CA ARG F 63 5.23 -31.47 -20.65
C ARG F 63 6.39 -30.56 -20.26
N PHE F 64 6.35 -29.96 -19.08
CA PHE F 64 7.37 -29.05 -18.61
C PHE F 64 8.20 -29.74 -17.53
N SER F 65 9.52 -29.48 -17.53
CA SER F 65 10.40 -30.09 -16.55
C SER F 65 11.60 -29.16 -16.33
N VAL F 66 12.11 -29.15 -15.11
CA VAL F 66 13.22 -28.29 -14.72
C VAL F 66 14.28 -29.15 -14.04
N GLN F 67 15.53 -29.01 -14.47
CA GLN F 67 16.65 -29.73 -13.90
C GLN F 67 17.71 -28.75 -13.44
N GLN F 68 18.13 -28.87 -12.19
CA GLN F 68 19.14 -27.99 -11.63
C GLN F 68 20.53 -28.42 -12.08
N PHE F 69 21.47 -27.49 -12.01
CA PHE F 69 22.82 -27.69 -12.52
C PHE F 69 23.84 -27.58 -11.40
N ASP F 70 25.11 -27.81 -11.75
CA ASP F 70 26.17 -27.78 -10.75
C ASP F 70 26.52 -26.35 -10.33
N ASP F 71 26.45 -25.40 -11.26
CA ASP F 71 26.62 -23.98 -10.93
C ASP F 71 25.36 -23.37 -10.33
N TYR F 72 24.39 -24.19 -9.94
CA TYR F 72 23.16 -23.84 -9.27
C TYR F 72 22.16 -23.10 -10.15
N HIS F 73 22.49 -22.82 -11.41
CA HIS F 73 21.52 -22.20 -12.29
C HIS F 73 20.44 -23.20 -12.68
N SER F 74 19.21 -22.72 -12.81
CA SER F 74 18.05 -23.57 -13.02
C SER F 74 17.57 -23.44 -14.47
N GLU F 75 17.37 -24.57 -15.13
CA GLU F 75 16.86 -24.63 -16.50
C GLU F 75 15.51 -25.31 -16.51
N MET F 76 14.48 -24.58 -16.92
CA MET F 76 13.16 -25.15 -17.14
C MET F 76 13.01 -25.52 -18.61
N ASN F 77 12.75 -26.78 -18.89
CA ASN F 77 12.50 -27.28 -20.23
C ASN F 77 11.01 -27.45 -20.44
N MET F 78 10.52 -26.99 -21.59
CA MET F 78 9.11 -27.10 -21.95
C MET F 78 9.00 -27.71 -23.34
N SER F 79 8.08 -28.67 -23.48
CA SER F 79 7.91 -29.41 -24.72
C SER F 79 6.45 -29.36 -25.16
N ALA F 80 6.25 -29.55 -26.46
CA ALA F 80 4.91 -29.55 -27.07
C ALA F 80 4.13 -28.30 -26.68
N LEU F 81 4.74 -27.14 -26.90
CA LEU F 81 4.16 -25.89 -26.46
C LEU F 81 2.81 -25.64 -27.12
N GLU F 82 1.84 -25.23 -26.31
CA GLU F 82 0.48 -24.94 -26.75
C GLU F 82 0.26 -23.43 -26.71
N LEU F 83 -0.88 -23.01 -27.26
CA LEU F 83 -1.22 -21.59 -27.25
C LEU F 83 -1.45 -21.06 -25.84
N GLU F 84 -1.78 -21.93 -24.89
CA GLU F 84 -2.06 -21.51 -23.52
C GLU F 84 -0.79 -21.31 -22.69
N ASP F 85 0.38 -21.66 -23.22
CA ASP F 85 1.63 -21.43 -22.51
C ASP F 85 2.23 -20.06 -22.79
N SER F 86 1.67 -19.31 -23.72
CA SER F 86 2.18 -17.98 -24.05
C SER F 86 1.91 -17.05 -22.88
N ALA F 87 2.95 -16.76 -22.10
CA ALA F 87 2.82 -15.92 -20.91
C ALA F 87 4.21 -15.49 -20.47
N MET F 88 4.25 -14.68 -19.41
CA MET F 88 5.49 -14.25 -18.79
C MET F 88 5.91 -15.28 -17.76
N TYR F 89 7.16 -15.74 -17.85
CA TYR F 89 7.67 -16.76 -16.96
C TYR F 89 8.73 -16.16 -16.05
N PHE F 90 8.49 -16.19 -14.74
CA PHE F 90 9.33 -15.55 -13.75
C PHE F 90 10.11 -16.59 -12.96
N CYS F 91 11.36 -16.28 -12.66
CA CYS F 91 12.19 -17.07 -11.77
C CYS F 91 12.59 -16.20 -10.58
N ALA F 92 12.39 -16.73 -9.38
CA ALA F 92 12.69 -15.99 -8.16
C ALA F 92 13.42 -16.92 -7.19
N SER F 93 14.42 -16.36 -6.51
CA SER F 93 15.25 -17.13 -5.59
C SER F 93 15.41 -16.36 -4.28
N SER F 94 15.24 -17.05 -3.16
CA SER F 94 15.51 -16.51 -1.84
C SER F 94 16.57 -17.35 -1.16
N LEU F 95 17.25 -16.76 -0.18
CA LEU F 95 18.28 -17.48 0.55
C LEU F 95 17.70 -18.69 1.26
N ARG F 96 16.67 -18.47 2.07
CA ARG F 96 15.90 -19.54 2.68
C ARG F 96 14.42 -19.22 2.50
N TRP F 97 13.57 -20.20 2.80
CA TRP F 97 12.13 -19.97 2.72
C TRP F 97 11.70 -18.98 3.79
N GLY F 98 10.91 -17.99 3.39
CA GLY F 98 10.50 -16.92 4.26
C GLY F 98 11.30 -15.64 4.10
N ASP F 99 12.53 -15.73 3.62
CA ASP F 99 13.35 -14.55 3.40
C ASP F 99 12.94 -13.85 2.12
N GLU F 100 13.53 -12.68 1.87
CA GLU F 100 13.12 -11.84 0.76
C GLU F 100 13.33 -12.57 -0.57
N GLN F 101 12.30 -12.53 -1.41
CA GLN F 101 12.34 -13.16 -2.72
C GLN F 101 12.91 -12.18 -3.73
N TYR F 102 13.95 -12.59 -4.45
CA TYR F 102 14.60 -11.77 -5.46
C TYR F 102 14.12 -12.24 -6.83
N PHE F 103 13.33 -11.41 -7.50
CA PHE F 103 12.67 -11.79 -8.73
C PHE F 103 13.52 -11.45 -9.95
N GLY F 104 13.51 -12.36 -10.93
CA GLY F 104 14.17 -12.12 -12.18
C GLY F 104 13.37 -11.19 -13.06
N PRO F 105 14.01 -10.62 -14.08
CA PRO F 105 13.27 -9.76 -15.01
C PRO F 105 12.16 -10.50 -15.75
N GLY F 106 12.32 -11.81 -15.94
CA GLY F 106 11.26 -12.61 -16.53
C GLY F 106 11.42 -12.85 -18.02
N THR F 107 11.29 -14.11 -18.42
CA THR F 107 11.30 -14.49 -19.83
C THR F 107 9.88 -14.39 -20.38
N ARG F 108 9.71 -13.63 -21.46
CA ARG F 108 8.41 -13.47 -22.11
C ARG F 108 8.32 -14.47 -23.26
N LEU F 109 7.36 -15.38 -23.18
CA LEU F 109 7.14 -16.40 -24.19
C LEU F 109 5.78 -16.18 -24.83
N THR F 110 5.78 -16.00 -26.15
CA THR F 110 4.56 -15.89 -26.94
C THR F 110 4.55 -16.98 -27.98
N VAL F 111 3.57 -17.88 -27.89
CA VAL F 111 3.42 -19.00 -28.81
C VAL F 111 2.43 -18.59 -29.89
N VAL F 112 2.81 -18.76 -31.15
CA VAL F 112 2.02 -18.30 -32.27
C VAL F 112 1.43 -19.51 -33.00
N GLU F 113 0.36 -19.25 -33.75
CA GLU F 113 -0.29 -20.31 -34.52
C GLU F 113 0.63 -20.81 -35.63
N ASP F 114 1.13 -19.91 -36.47
CA ASP F 114 2.01 -20.27 -37.57
C ASP F 114 3.16 -19.28 -37.63
N LEU F 115 4.36 -19.80 -37.88
CA LEU F 115 5.56 -18.95 -37.91
C LEU F 115 5.52 -17.94 -39.04
N ARG F 116 4.87 -18.28 -40.16
CA ARG F 116 4.87 -17.40 -41.32
C ARG F 116 4.29 -16.02 -41.02
N ASN F 117 3.48 -15.90 -39.97
CA ASN F 117 2.85 -14.62 -39.66
C ASN F 117 3.79 -13.63 -38.99
N VAL F 118 4.91 -14.11 -38.43
CA VAL F 118 5.83 -13.23 -37.71
C VAL F 118 6.46 -12.25 -38.69
N THR F 119 6.25 -10.96 -38.46
CA THR F 119 6.75 -9.91 -39.35
C THR F 119 7.27 -8.74 -38.52
N PRO F 120 8.36 -8.12 -38.96
CA PRO F 120 8.90 -6.96 -38.24
C PRO F 120 8.03 -5.74 -38.45
N PRO F 121 8.21 -4.69 -37.65
CA PRO F 121 7.35 -3.51 -37.77
C PRO F 121 7.83 -2.54 -38.84
N LYS F 122 6.91 -1.66 -39.22
CA LYS F 122 7.19 -0.47 -40.01
C LYS F 122 7.05 0.74 -39.10
N VAL F 123 8.09 1.57 -39.04
CA VAL F 123 8.10 2.74 -38.17
C VAL F 123 7.79 3.99 -38.99
N SER F 124 6.83 4.77 -38.51
CA SER F 124 6.44 6.03 -39.14
C SER F 124 6.73 7.16 -38.17
N LEU F 125 7.42 8.19 -38.64
CA LEU F 125 7.79 9.34 -37.82
C LEU F 125 7.15 10.59 -38.38
N ARG F 126 6.55 11.39 -37.50
CA ARG F 126 5.81 12.58 -37.89
C ARG F 126 6.42 13.79 -37.20
N GLU F 127 6.94 14.73 -38.00
CA GLU F 127 7.50 15.96 -37.47
C GLU F 127 6.42 16.78 -36.77
N PRO F 128 6.81 17.69 -35.87
CA PRO F 128 5.80 18.35 -35.03
C PRO F 128 4.90 19.27 -35.84
N SER F 129 3.67 19.43 -35.34
CA SER F 129 2.68 20.24 -36.02
C SER F 129 3.03 21.72 -35.90
N LYS F 130 2.55 22.51 -36.86
CA LYS F 130 2.80 23.94 -36.85
C LYS F 130 2.09 24.62 -35.68
N ALA F 131 0.84 24.25 -35.43
CA ALA F 131 0.04 24.94 -34.41
C ALA F 131 0.67 24.79 -33.03
N GLU F 132 1.23 23.62 -32.73
CA GLU F 132 1.87 23.43 -31.43
C GLU F 132 3.15 24.25 -31.30
N ILE F 133 3.88 24.42 -32.42
CA ILE F 133 5.15 25.13 -32.36
C ILE F 133 4.94 26.59 -32.02
N ALA F 134 3.99 27.25 -32.69
CA ALA F 134 3.82 28.69 -32.51
C ALA F 134 3.11 29.02 -31.20
N ASN F 135 1.95 28.40 -30.96
CA ASN F 135 1.11 28.81 -29.84
C ASN F 135 1.68 28.35 -28.49
N LYS F 136 2.20 27.13 -28.41
CA LYS F 136 2.66 26.57 -27.16
C LYS F 136 4.17 26.72 -26.94
N GLN F 137 4.93 27.02 -28.00
CA GLN F 137 6.39 27.11 -27.94
C GLN F 137 7.02 25.81 -27.44
N LYS F 138 6.40 24.68 -27.80
CA LYS F 138 6.94 23.35 -27.54
C LYS F 138 6.68 22.48 -28.75
N ALA F 139 7.52 21.47 -28.94
CA ALA F 139 7.45 20.58 -30.09
C ALA F 139 7.33 19.14 -29.62
N THR F 140 6.51 18.36 -30.34
CA THR F 140 6.25 16.97 -29.98
C THR F 140 6.40 16.09 -31.21
N LEU F 141 7.56 15.44 -31.34
CA LEU F 141 7.74 14.42 -32.36
C LEU F 141 6.89 13.21 -32.00
N GLN F 142 6.08 12.73 -32.95
CA GLN F 142 5.22 11.58 -32.73
C GLN F 142 5.70 10.42 -33.57
N CYS F 143 6.02 9.30 -32.92
CA CYS F 143 6.48 8.09 -33.57
C CYS F 143 5.40 7.02 -33.53
N GLN F 144 5.50 6.08 -34.47
CA GLN F 144 4.49 5.03 -34.57
C GLN F 144 5.08 3.83 -35.30
N ALA F 145 4.97 2.65 -34.67
CA ALA F 145 5.34 1.39 -35.28
C ALA F 145 4.10 0.52 -35.40
N ARG F 146 3.95 -0.15 -36.55
CA ARG F 146 2.74 -0.92 -36.80
C ARG F 146 3.07 -2.09 -37.72
N GLY F 147 2.09 -2.97 -37.89
CA GLY F 147 2.20 -4.11 -38.77
C GLY F 147 3.01 -5.27 -38.23
N PHE F 148 3.57 -5.16 -37.03
CA PHE F 148 4.42 -6.21 -36.50
C PHE F 148 3.60 -7.27 -35.77
N PHE F 149 4.24 -8.42 -35.55
CA PHE F 149 3.64 -9.56 -34.87
C PHE F 149 4.75 -10.56 -34.52
N PRO F 150 4.81 -11.03 -33.28
CA PRO F 150 3.88 -10.68 -32.20
C PRO F 150 4.30 -9.44 -31.42
N ASP F 151 3.60 -9.13 -30.34
CA ASP F 151 3.92 -7.97 -29.52
C ASP F 151 5.23 -8.20 -28.79
N HIS F 152 6.34 -7.87 -29.44
CA HIS F 152 7.68 -8.09 -28.89
C HIS F 152 8.57 -6.90 -29.18
N VAL F 153 8.04 -5.69 -28.98
CA VAL F 153 8.77 -4.47 -29.35
C VAL F 153 9.06 -3.64 -28.11
N GLU F 154 10.10 -2.83 -28.22
CA GLU F 154 10.51 -1.89 -27.18
C GLU F 154 10.91 -0.58 -27.86
N LEU F 155 10.03 0.41 -27.79
CA LEU F 155 10.30 1.69 -28.44
C LEU F 155 11.16 2.56 -27.53
N SER F 156 12.08 3.31 -28.17
CA SER F 156 12.96 4.22 -27.44
C SER F 156 13.25 5.43 -28.30
N TRP F 157 13.55 6.55 -27.65
CA TRP F 157 13.89 7.79 -28.32
C TRP F 157 15.37 8.10 -28.10
N TRP F 158 16.00 8.66 -29.14
CA TRP F 158 17.45 8.91 -29.11
C TRP F 158 17.70 10.30 -29.72
N VAL F 159 17.98 11.28 -28.86
CA VAL F 159 18.28 12.64 -29.30
C VAL F 159 19.78 12.86 -29.24
N ASN F 160 20.34 13.38 -30.33
CA ASN F 160 21.77 13.73 -30.42
C ASN F 160 22.65 12.56 -30.01
N GLY F 161 22.29 11.36 -30.46
CA GLY F 161 23.07 10.17 -30.19
C GLY F 161 22.88 9.54 -28.82
N LYS F 162 22.21 10.21 -27.90
CA LYS F 162 21.97 9.69 -26.56
C LYS F 162 20.51 9.30 -26.42
N GLU F 163 20.27 8.30 -25.56
CA GLU F 163 18.90 7.94 -25.23
C GLU F 163 18.30 9.00 -24.32
N VAL F 164 17.08 9.42 -24.64
CA VAL F 164 16.38 10.44 -23.86
C VAL F 164 15.21 9.79 -23.14
N HIS F 165 14.86 10.34 -21.98
CA HIS F 165 13.75 9.82 -21.19
C HIS F 165 12.77 10.93 -20.81
N SER F 166 13.27 12.14 -20.58
CA SER F 166 12.39 13.24 -20.22
C SER F 166 11.61 13.71 -21.44
N GLY F 167 10.30 13.80 -21.30
CA GLY F 167 9.42 14.12 -22.41
C GLY F 167 8.85 12.91 -23.12
N VAL F 168 9.51 11.75 -23.03
CA VAL F 168 9.00 10.55 -23.65
C VAL F 168 7.69 10.15 -22.99
N SER F 169 6.67 9.88 -23.82
CA SER F 169 5.35 9.46 -23.34
C SER F 169 4.86 8.31 -24.23
N THR F 170 5.52 7.16 -24.09
CA THR F 170 5.19 6.00 -24.90
C THR F 170 3.86 5.40 -24.45
N ASP F 171 3.09 4.90 -25.42
CA ASP F 171 1.81 4.26 -25.11
C ASP F 171 2.04 3.06 -24.19
N PRO F 172 1.08 2.76 -23.31
CA PRO F 172 1.31 1.70 -22.31
C PRO F 172 1.45 0.32 -22.92
N GLN F 173 0.63 -0.02 -23.91
CA GLN F 173 0.68 -1.34 -24.53
C GLN F 173 0.30 -1.22 -26.00
N ALA F 174 0.82 -2.14 -26.80
CA ALA F 174 0.58 -2.10 -28.24
C ALA F 174 -0.87 -2.47 -28.55
N TYR F 175 -1.44 -1.79 -29.55
CA TYR F 175 -2.81 -2.04 -29.96
C TYR F 175 -2.88 -3.18 -30.96
N LYS F 176 -3.89 -4.04 -30.80
CA LYS F 176 -4.10 -5.18 -31.69
C LYS F 176 -5.02 -4.75 -32.82
N GLU F 177 -4.42 -4.14 -33.85
CA GLU F 177 -5.19 -3.63 -34.98
C GLU F 177 -5.91 -4.77 -35.70
N SER F 178 -5.15 -5.76 -36.16
CA SER F 178 -5.70 -6.93 -36.83
C SER F 178 -5.40 -8.17 -36.00
N ASN F 179 -5.87 -9.32 -36.49
CA ASN F 179 -5.63 -10.58 -35.78
C ASN F 179 -4.15 -10.89 -35.69
N TYR F 180 -3.37 -10.49 -36.70
CA TYR F 180 -1.93 -10.74 -36.73
C TYR F 180 -1.14 -9.46 -36.94
N SER F 181 -1.70 -8.32 -36.52
CA SER F 181 -1.04 -7.03 -36.71
C SER F 181 -1.17 -6.21 -35.44
N TYR F 182 -0.04 -5.90 -34.81
CA TYR F 182 0.02 -5.01 -33.67
C TYR F 182 0.55 -3.65 -34.09
N SER F 183 0.28 -2.65 -33.26
CA SER F 183 0.76 -1.30 -33.51
C SER F 183 1.01 -0.60 -32.18
N LEU F 184 1.96 0.34 -32.20
CA LEU F 184 2.36 1.06 -30.99
C LEU F 184 2.82 2.46 -31.40
N SER F 185 2.51 3.44 -30.55
CA SER F 185 2.87 4.82 -30.81
C SER F 185 3.51 5.43 -29.57
N SER F 186 4.19 6.55 -29.78
CA SER F 186 4.85 7.28 -28.70
C SER F 186 5.06 8.72 -29.17
N ARG F 187 5.69 9.53 -28.31
CA ARG F 187 5.92 10.92 -28.64
C ARG F 187 7.05 11.48 -27.77
N LEU F 188 7.85 12.36 -28.36
CA LEU F 188 8.96 13.02 -27.68
C LEU F 188 8.65 14.51 -27.57
N ARG F 189 8.58 15.02 -26.34
CA ARG F 189 8.23 16.41 -26.08
C ARG F 189 9.51 17.20 -25.82
N VAL F 190 9.83 18.12 -26.73
CA VAL F 190 11.00 18.97 -26.61
C VAL F 190 10.61 20.41 -26.93
N SER F 191 11.44 21.35 -26.49
CA SER F 191 11.16 22.76 -26.71
C SER F 191 11.28 23.10 -28.19
N ALA F 192 10.55 24.14 -28.60
CA ALA F 192 10.52 24.54 -30.01
C ALA F 192 11.89 25.00 -30.48
N THR F 193 12.60 25.76 -29.65
CA THR F 193 13.94 26.21 -30.02
C THR F 193 14.89 25.04 -30.18
N PHE F 194 14.76 24.02 -29.31
CA PHE F 194 15.52 22.79 -29.48
C PHE F 194 15.21 22.16 -30.84
N TRP F 195 13.93 22.09 -31.19
CA TRP F 195 13.55 21.53 -32.48
C TRP F 195 14.01 22.40 -33.64
N HIS F 196 14.09 23.72 -33.44
CA HIS F 196 14.41 24.65 -34.51
C HIS F 196 15.91 24.83 -34.72
N ASN F 197 16.71 23.83 -34.33
CA ASN F 197 18.14 23.86 -34.59
C ASN F 197 18.48 22.76 -35.59
N PRO F 198 19.00 23.09 -36.76
CA PRO F 198 19.28 22.05 -37.77
C PRO F 198 20.26 20.99 -37.28
N ARG F 199 21.31 21.39 -36.56
CA ARG F 199 22.34 20.44 -36.16
C ARG F 199 21.82 19.39 -35.18
N ASN F 200 20.65 19.63 -34.58
CA ASN F 200 20.09 18.65 -33.66
C ASN F 200 19.55 17.44 -34.41
N HIS F 201 19.66 16.28 -33.78
CA HIS F 201 19.30 15.00 -34.39
C HIS F 201 18.36 14.24 -33.46
N PHE F 202 17.21 13.84 -33.99
CA PHE F 202 16.22 13.08 -33.25
C PHE F 202 15.98 11.74 -33.94
N ARG F 203 15.86 10.67 -33.16
CA ARG F 203 15.67 9.34 -33.71
C ARG F 203 14.73 8.54 -32.83
N CYS F 204 13.71 7.95 -33.45
CA CYS F 204 12.82 7.00 -32.79
C CYS F 204 13.21 5.60 -33.26
N GLN F 205 13.50 4.72 -32.30
CA GLN F 205 13.96 3.36 -32.59
C GLN F 205 13.00 2.35 -31.98
N VAL F 206 12.68 1.32 -32.76
CA VAL F 206 11.82 0.22 -32.31
C VAL F 206 12.62 -1.07 -32.43
N GLN F 207 12.85 -1.72 -31.31
CA GLN F 207 13.55 -3.01 -31.28
C GLN F 207 12.52 -4.13 -31.32
N PHE F 208 12.56 -4.94 -32.37
CA PHE F 208 11.63 -6.04 -32.55
C PHE F 208 12.32 -7.35 -32.22
N HIS F 209 11.79 -8.06 -31.23
CA HIS F 209 12.35 -9.35 -30.81
C HIS F 209 11.69 -10.44 -31.64
N GLY F 210 12.34 -10.80 -32.74
CA GLY F 210 11.87 -11.80 -33.67
C GLY F 210 12.51 -13.16 -33.46
N LEU F 211 12.55 -13.95 -34.52
CA LEU F 211 12.97 -15.34 -34.44
C LEU F 211 14.44 -15.46 -34.05
N SER F 212 14.79 -16.63 -33.53
CA SER F 212 16.14 -16.93 -33.11
C SER F 212 16.93 -17.50 -34.29
N GLU F 213 18.16 -17.96 -34.02
CA GLU F 213 18.92 -18.68 -35.04
C GLU F 213 18.23 -20.00 -35.38
N GLU F 214 17.64 -20.65 -34.38
CA GLU F 214 16.85 -21.86 -34.61
C GLU F 214 15.53 -21.46 -35.24
N ASP F 215 15.30 -21.89 -36.49
CA ASP F 215 14.14 -21.44 -37.22
C ASP F 215 13.69 -22.52 -38.21
N LYS F 216 12.46 -22.38 -38.68
CA LYS F 216 11.93 -23.17 -39.78
C LYS F 216 11.78 -22.35 -41.05
N TRP F 217 12.21 -21.09 -41.02
CA TRP F 217 11.92 -20.13 -42.09
C TRP F 217 12.39 -20.64 -43.44
N PRO F 218 11.52 -20.74 -44.44
CA PRO F 218 11.97 -21.14 -45.77
C PRO F 218 12.80 -20.04 -46.43
N GLU F 219 13.57 -20.45 -47.44
CA GLU F 219 14.46 -19.53 -48.14
C GLU F 219 13.72 -18.51 -49.00
N GLY F 220 12.41 -18.69 -49.21
CA GLY F 220 11.68 -17.79 -50.09
C GLY F 220 11.56 -16.39 -49.52
N SER F 221 11.41 -16.27 -48.20
CA SER F 221 11.25 -14.99 -47.54
C SER F 221 12.41 -14.74 -46.58
N PRO F 222 12.78 -13.49 -46.35
CA PRO F 222 13.83 -13.21 -45.37
C PRO F 222 13.34 -13.44 -43.95
N LYS F 223 14.26 -13.92 -43.11
CA LYS F 223 13.89 -14.31 -41.75
C LYS F 223 13.58 -13.09 -40.90
N PRO F 224 12.48 -13.08 -40.16
CA PRO F 224 12.15 -11.96 -39.25
C PRO F 224 12.88 -12.08 -37.91
N VAL F 225 14.21 -11.94 -37.97
CA VAL F 225 15.06 -12.08 -36.81
C VAL F 225 14.87 -10.87 -35.89
N THR F 226 15.39 -10.96 -34.67
CA THR F 226 15.48 -9.79 -33.81
C THR F 226 16.25 -8.68 -34.54
N GLN F 227 15.63 -7.50 -34.63
CA GLN F 227 16.26 -6.41 -35.37
C GLN F 227 15.71 -5.08 -34.86
N ASN F 228 16.49 -4.04 -35.11
CA ASN F 228 16.12 -2.67 -34.76
C ASN F 228 15.62 -1.94 -35.99
N ILE F 229 14.49 -1.24 -35.85
CA ILE F 229 13.90 -0.47 -36.94
C ILE F 229 13.68 0.94 -36.41
N SER F 230 14.47 1.89 -36.90
CA SER F 230 14.45 3.25 -36.39
C SER F 230 14.02 4.23 -37.48
N ALA F 231 13.61 5.42 -37.03
CA ALA F 231 13.23 6.52 -37.92
C ALA F 231 13.87 7.79 -37.39
N GLU F 232 14.68 8.43 -38.22
CA GLU F 232 15.45 9.60 -37.81
C GLU F 232 14.87 10.85 -38.47
N ALA F 233 15.26 12.01 -37.92
CA ALA F 233 14.77 13.30 -38.43
C ALA F 233 15.67 14.40 -37.89
N TRP F 234 16.31 15.13 -38.79
CA TRP F 234 17.02 16.34 -38.39
C TRP F 234 16.01 17.39 -37.90
N GLY F 235 16.45 18.19 -36.94
CA GLY F 235 15.67 19.34 -36.54
C GLY F 235 15.56 20.32 -37.70
N ARG F 236 14.36 20.80 -37.98
CA ARG F 236 14.14 21.74 -39.07
C ARG F 236 13.74 23.09 -38.49
N ALA F 237 14.44 24.14 -38.92
CA ALA F 237 14.15 25.50 -38.51
C ALA F 237 13.31 26.18 -39.60
N ASP F 238 12.12 26.63 -39.22
CA ASP F 238 11.28 27.35 -40.18
C ASP F 238 11.86 28.74 -40.44
N SER F 239 11.91 29.11 -41.72
CA SER F 239 12.43 30.42 -42.12
C SER F 239 12.11 30.71 -43.58
N GLY G 1 -5.43 8.90 -43.15
CA GLY G 1 -4.83 9.80 -42.17
C GLY G 1 -5.74 10.14 -41.02
N PRO G 2 -5.24 10.01 -39.78
CA PRO G 2 -6.05 10.35 -38.61
C PRO G 2 -6.10 11.86 -38.40
N HIS G 3 -7.29 12.39 -38.19
CA HIS G 3 -7.51 13.81 -38.02
C HIS G 3 -7.76 14.15 -36.55
N SER G 4 -7.53 15.41 -36.20
CA SER G 4 -7.49 15.80 -34.79
C SER G 4 -7.78 17.28 -34.65
N LEU G 5 -8.88 17.62 -33.96
CA LEU G 5 -9.15 19.01 -33.63
C LEU G 5 -8.57 19.34 -32.26
N ARG G 6 -8.02 20.55 -32.15
CA ARG G 6 -7.34 20.98 -30.93
C ARG G 6 -7.76 22.41 -30.62
N TYR G 7 -7.64 22.78 -29.34
CA TYR G 7 -7.97 24.12 -28.87
C TYR G 7 -6.79 24.69 -28.10
N PHE G 8 -6.24 25.78 -28.60
CA PHE G 8 -5.14 26.50 -27.95
C PHE G 8 -5.71 27.80 -27.39
N VAL G 9 -6.01 27.80 -26.10
CA VAL G 9 -6.45 29.01 -25.42
C VAL G 9 -5.26 29.59 -24.69
N THR G 10 -5.18 30.92 -24.61
CA THR G 10 -4.04 31.55 -23.94
C THR G 10 -4.48 32.90 -23.38
N ALA G 11 -4.13 33.14 -22.12
CA ALA G 11 -4.48 34.36 -21.42
C ALA G 11 -3.21 35.01 -20.87
N VAL G 12 -3.02 36.28 -21.20
CA VAL G 12 -1.93 37.07 -20.65
C VAL G 12 -2.53 38.30 -19.98
N SER G 13 -1.87 38.75 -18.91
CA SER G 13 -2.35 39.86 -18.08
C SER G 13 -1.30 40.96 -18.02
N ARG G 14 -1.43 41.94 -18.90
CA ARG G 14 -0.76 43.21 -18.66
C ARG G 14 -1.24 43.77 -17.33
N PRO G 15 -0.32 44.08 -16.40
CA PRO G 15 -0.76 44.41 -15.03
C PRO G 15 -1.65 45.64 -14.95
N GLY G 16 -1.24 46.77 -15.53
CA GLY G 16 -1.93 48.02 -15.29
C GLY G 16 -2.54 48.71 -16.49
N LEU G 17 -2.05 48.40 -17.69
CA LEU G 17 -2.57 49.05 -18.89
C LEU G 17 -4.03 48.69 -19.11
N GLY G 18 -4.34 47.40 -19.07
CA GLY G 18 -5.71 46.94 -19.16
C GLY G 18 -5.82 45.59 -18.49
N GLU G 19 -7.06 45.10 -18.39
CA GLU G 19 -7.30 43.81 -17.78
C GLU G 19 -6.75 42.69 -18.67
N PRO G 20 -6.55 41.49 -18.10
CA PRO G 20 -5.96 40.38 -18.87
C PRO G 20 -6.67 40.13 -20.21
N ARG G 21 -5.87 39.97 -21.27
CA ARG G 21 -6.39 39.54 -22.55
C ARG G 21 -6.28 38.02 -22.64
N TYR G 22 -7.27 37.39 -23.27
CA TYR G 22 -7.37 35.94 -23.30
C TYR G 22 -7.98 35.52 -24.62
N MET G 23 -7.40 34.51 -25.25
CA MET G 23 -7.91 34.07 -26.55
C MET G 23 -7.92 32.55 -26.67
N GLU G 24 -9.04 32.02 -27.17
CA GLU G 24 -9.13 30.65 -27.62
C GLU G 24 -8.95 30.61 -29.13
N VAL G 25 -8.09 29.71 -29.59
CA VAL G 25 -7.92 29.47 -31.02
C VAL G 25 -8.10 27.98 -31.26
N GLY G 26 -9.01 27.62 -32.15
CA GLY G 26 -9.35 26.24 -32.44
C GLY G 26 -8.91 25.85 -33.84
N TYR G 27 -8.23 24.71 -33.93
CA TYR G 27 -7.76 24.15 -35.18
C TYR G 27 -8.42 22.79 -35.39
N VAL G 28 -9.27 22.70 -36.41
CA VAL G 28 -9.70 21.39 -36.90
C VAL G 28 -8.59 20.83 -37.77
N ASP G 29 -8.18 19.60 -37.47
CA ASP G 29 -7.02 18.97 -38.09
C ASP G 29 -5.81 19.87 -37.89
N ASP G 30 -5.31 20.51 -38.95
CA ASP G 30 -4.12 21.35 -38.85
C ASP G 30 -4.36 22.79 -39.33
N THR G 31 -5.61 23.19 -39.56
CA THR G 31 -5.91 24.53 -40.04
C THR G 31 -6.92 25.19 -39.11
N GLU G 32 -6.58 26.39 -38.64
CA GLU G 32 -7.44 27.14 -37.75
C GLU G 32 -8.79 27.42 -38.39
N PHE G 33 -9.87 27.26 -37.62
CA PHE G 33 -11.21 27.43 -38.17
C PHE G 33 -12.06 28.41 -37.37
N VAL G 34 -11.88 28.48 -36.05
CA VAL G 34 -12.54 29.49 -35.23
C VAL G 34 -11.53 30.06 -34.22
N ARG G 35 -11.76 31.31 -33.82
CA ARG G 35 -10.90 31.96 -32.84
C ARG G 35 -11.71 33.04 -32.13
N PHE G 36 -11.15 33.53 -31.02
CA PHE G 36 -11.78 34.52 -30.17
C PHE G 36 -10.77 35.05 -29.17
N ASP G 37 -10.51 36.36 -29.19
CA ASP G 37 -9.67 36.99 -28.17
C ASP G 37 -10.45 38.08 -27.45
N SER G 38 -10.14 38.22 -26.15
CA SER G 38 -10.86 39.19 -25.32
C SER G 38 -10.50 40.62 -25.68
N ASP G 39 -9.22 40.91 -25.87
CA ASP G 39 -8.80 42.28 -26.17
C ASP G 39 -9.19 42.72 -27.57
N ALA G 40 -10.01 41.95 -28.29
CA ALA G 40 -10.56 42.43 -29.55
C ALA G 40 -11.52 43.57 -29.29
N GLU G 41 -11.77 44.35 -30.35
CA GLU G 41 -12.71 45.45 -30.28
C GLU G 41 -14.08 44.99 -29.75
N ASN G 42 -14.71 44.07 -30.46
CA ASN G 42 -15.99 43.50 -30.06
C ASN G 42 -15.84 42.00 -29.90
N PRO G 43 -16.10 41.43 -28.72
CA PRO G 43 -15.82 40.01 -28.51
C PRO G 43 -16.96 39.12 -28.99
N ARG G 44 -16.61 38.11 -29.80
CA ARG G 44 -17.55 37.12 -30.30
C ARG G 44 -16.76 36.04 -31.02
N TYR G 45 -17.19 34.78 -30.84
CA TYR G 45 -16.58 33.67 -31.55
C TYR G 45 -16.72 33.87 -33.06
N GLU G 46 -15.60 34.01 -33.74
CA GLU G 46 -15.59 34.28 -35.17
C GLU G 46 -15.00 33.12 -35.95
N PRO G 47 -15.53 32.83 -37.14
CA PRO G 47 -14.97 31.76 -37.97
C PRO G 47 -13.78 32.23 -38.80
N ARG G 48 -12.78 31.35 -38.89
CA ARG G 48 -11.57 31.63 -39.65
C ARG G 48 -11.43 30.73 -40.87
N ALA G 49 -12.34 29.78 -41.07
CA ALA G 49 -12.36 28.91 -42.23
C ALA G 49 -13.64 29.13 -43.01
N ARG G 50 -13.55 28.97 -44.33
CA ARG G 50 -14.69 29.25 -45.20
C ARG G 50 -15.84 28.29 -44.94
N TRP G 51 -15.53 27.02 -44.67
CA TRP G 51 -16.59 26.03 -44.46
C TRP G 51 -17.28 26.17 -43.12
N MET G 52 -16.62 26.79 -42.13
CA MET G 52 -17.23 26.93 -40.81
C MET G 52 -18.27 28.04 -40.76
N GLU G 53 -18.27 28.95 -41.73
CA GLU G 53 -19.24 30.04 -41.75
C GLU G 53 -20.68 29.55 -41.87
N GLN G 54 -20.90 28.28 -42.22
CA GLN G 54 -22.24 27.79 -42.49
C GLN G 54 -23.01 27.38 -41.24
N GLU G 55 -22.33 27.13 -40.13
CA GLU G 55 -23.01 26.61 -38.96
C GLU G 55 -23.97 27.65 -38.39
N CYS G 56 -25.08 27.16 -37.82
CA CYS G 56 -26.21 28.00 -37.44
C CYS G 56 -25.79 29.03 -36.38
N PRO G 57 -26.54 30.14 -36.27
CA PRO G 57 -26.11 31.22 -35.38
C PRO G 57 -26.11 30.88 -33.90
N GLU G 58 -26.86 29.86 -33.48
CA GLU G 58 -26.86 29.47 -32.07
C GLU G 58 -25.48 29.01 -31.63
N TYR G 59 -24.75 28.35 -32.54
CA TYR G 59 -23.41 27.87 -32.25
C TYR G 59 -22.51 28.99 -31.74
N TRP G 60 -22.56 30.15 -32.41
CA TRP G 60 -21.67 31.25 -32.03
C TRP G 60 -22.08 31.89 -30.72
N GLU G 61 -23.39 31.94 -30.43
CA GLU G 61 -23.84 32.53 -29.18
C GLU G 61 -23.50 31.63 -27.99
N ARG G 62 -23.80 30.33 -28.10
CA ARG G 62 -23.55 29.42 -26.99
C ARG G 62 -22.06 29.31 -26.69
N GLU G 63 -21.22 29.25 -27.72
CA GLU G 63 -19.78 29.18 -27.49
C GLU G 63 -19.23 30.48 -26.93
N THR G 64 -19.80 31.62 -27.31
CA THR G 64 -19.30 32.90 -26.83
C THR G 64 -19.59 33.05 -25.34
N GLN G 65 -20.81 32.75 -24.91
CA GLN G 65 -21.14 32.82 -23.49
C GLN G 65 -20.27 31.87 -22.68
N LYS G 66 -20.04 30.66 -23.18
CA LYS G 66 -19.13 29.74 -22.48
C LYS G 66 -17.71 30.28 -22.48
N ALA G 67 -17.28 30.92 -23.58
CA ALA G 67 -15.93 31.48 -23.63
C ALA G 67 -15.80 32.69 -22.72
N LYS G 68 -16.79 33.60 -22.76
CA LYS G 68 -16.78 34.76 -21.88
C LYS G 68 -16.63 34.34 -20.43
N GLY G 69 -17.25 33.21 -20.05
CA GLY G 69 -17.05 32.68 -18.71
C GLY G 69 -15.67 32.10 -18.49
N ASN G 70 -15.07 31.51 -19.53
CA ASN G 70 -13.72 30.98 -19.39
C ASN G 70 -12.72 32.09 -19.10
N GLU G 71 -12.88 33.25 -19.73
CA GLU G 71 -12.02 34.40 -19.43
C GLU G 71 -12.14 34.75 -17.95
N GLN G 72 -13.37 34.82 -17.43
CA GLN G 72 -13.58 35.08 -16.02
C GLN G 72 -12.88 34.03 -15.16
N SER G 73 -13.13 32.75 -15.44
CA SER G 73 -12.48 31.68 -14.70
C SER G 73 -10.97 31.75 -14.86
N PHE G 74 -10.49 32.13 -16.04
CA PHE G 74 -9.06 32.25 -16.25
C PHE G 74 -8.50 33.51 -15.59
N ARG G 75 -9.27 34.59 -15.55
CA ARG G 75 -8.79 35.80 -14.90
C ARG G 75 -8.59 35.59 -13.41
N VAL G 76 -9.54 34.92 -12.75
CA VAL G 76 -9.37 34.61 -11.34
C VAL G 76 -8.27 33.56 -11.15
N ASP G 77 -8.23 32.56 -12.04
CA ASP G 77 -7.18 31.55 -11.95
C ASP G 77 -5.81 32.19 -12.11
N LEU G 78 -5.63 32.96 -13.17
CA LEU G 78 -4.37 33.67 -13.40
C LEU G 78 -3.96 34.52 -12.19
N ARG G 79 -4.92 35.23 -11.60
CA ARG G 79 -4.64 35.96 -10.37
C ARG G 79 -4.30 35.01 -9.23
N THR G 80 -4.95 33.85 -9.20
CA THR G 80 -4.68 32.86 -8.16
C THR G 80 -3.31 32.25 -8.30
N LEU G 81 -2.78 32.19 -9.53
CA LEU G 81 -1.44 31.66 -9.75
C LEU G 81 -0.40 32.46 -8.98
N LEU G 82 -0.64 33.77 -8.81
CA LEU G 82 0.27 34.58 -8.00
C LEU G 82 0.31 34.08 -6.57
N GLY G 83 -0.85 33.78 -5.99
CA GLY G 83 -0.92 33.29 -4.63
C GLY G 83 -0.21 31.96 -4.42
N TYR G 84 -0.01 31.19 -5.48
CA TYR G 84 0.74 29.94 -5.36
C TYR G 84 2.25 30.17 -5.44
N TYR G 85 2.68 31.14 -6.26
CA TYR G 85 4.09 31.39 -6.51
C TYR G 85 4.58 32.69 -5.88
N ASN G 86 3.76 33.33 -5.04
CA ASN G 86 4.06 34.61 -4.40
C ASN G 86 4.75 35.59 -5.36
N GLN G 87 4.07 35.85 -6.47
CA GLN G 87 4.57 36.76 -7.48
C GLN G 87 4.09 38.18 -7.22
N SER G 88 4.67 39.13 -7.95
CA SER G 88 4.30 40.53 -7.80
C SER G 88 2.93 40.80 -8.40
N LYS G 89 2.22 41.76 -7.80
CA LYS G 89 0.91 42.14 -8.32
C LYS G 89 1.02 42.78 -9.70
N GLY G 90 2.11 43.50 -9.96
CA GLY G 90 2.28 44.21 -11.21
C GLY G 90 3.23 43.56 -12.19
N GLY G 91 3.21 42.23 -12.23
CA GLY G 91 4.02 41.47 -13.18
C GLY G 91 3.15 40.75 -14.19
N SER G 92 3.54 40.86 -15.45
CA SER G 92 2.74 40.28 -16.54
C SER G 92 2.90 38.77 -16.56
N HIS G 93 1.77 38.06 -16.68
CA HIS G 93 1.74 36.60 -16.62
C HIS G 93 0.92 36.07 -17.79
N THR G 94 1.33 34.90 -18.30
CA THR G 94 0.64 34.27 -19.43
C THR G 94 0.55 32.77 -19.20
N ILE G 95 -0.62 32.20 -19.52
CA ILE G 95 -0.81 30.76 -19.49
C ILE G 95 -1.53 30.33 -20.77
N GLN G 96 -1.17 29.16 -21.27
CA GLN G 96 -1.84 28.57 -22.42
C GLN G 96 -2.10 27.10 -22.12
N VAL G 97 -3.32 26.64 -22.40
CA VAL G 97 -3.64 25.23 -22.34
C VAL G 97 -3.80 24.72 -23.77
N ILE G 98 -3.49 23.45 -23.97
CA ILE G 98 -3.80 22.75 -25.21
C ILE G 98 -4.78 21.64 -24.85
N SER G 99 -5.87 21.56 -25.61
CA SER G 99 -6.96 20.66 -25.28
C SER G 99 -7.61 20.19 -26.57
N GLY G 100 -7.67 18.88 -26.75
CA GLY G 100 -8.26 18.33 -27.95
C GLY G 100 -8.04 16.83 -27.98
N CYS G 101 -8.64 16.21 -28.99
CA CYS G 101 -8.57 14.78 -29.18
C CYS G 101 -8.08 14.48 -30.60
N GLU G 102 -7.52 13.28 -30.75
CA GLU G 102 -7.02 12.80 -32.03
C GLU G 102 -7.60 11.42 -32.28
N VAL G 103 -8.36 11.27 -33.36
CA VAL G 103 -9.04 10.02 -33.66
C VAL G 103 -8.57 9.50 -35.01
N GLY G 104 -8.56 8.18 -35.16
CA GLY G 104 -8.11 7.54 -36.37
C GLY G 104 -9.15 7.56 -37.48
N SER G 105 -8.78 6.96 -38.61
CA SER G 105 -9.68 6.92 -39.76
C SER G 105 -10.92 6.10 -39.45
N ASP G 106 -10.77 5.02 -38.68
CA ASP G 106 -11.92 4.20 -38.32
C ASP G 106 -12.91 4.96 -37.45
N GLY G 107 -12.40 5.71 -36.48
CA GLY G 107 -13.27 6.51 -35.63
C GLY G 107 -12.97 6.35 -34.14
N ARG G 108 -12.01 5.49 -33.81
CA ARG G 108 -11.66 5.28 -32.41
C ARG G 108 -10.79 6.42 -31.91
N LEU G 109 -10.86 6.66 -30.60
CA LEU G 109 -10.05 7.70 -29.97
C LEU G 109 -8.61 7.21 -29.86
N LEU G 110 -7.72 7.75 -30.70
CA LEU G 110 -6.33 7.38 -30.64
C LEU G 110 -5.67 7.89 -29.36
N ARG G 111 -5.89 9.16 -29.04
CA ARG G 111 -5.35 9.74 -27.82
C ARG G 111 -6.11 11.02 -27.50
N GLY G 112 -6.09 11.39 -26.22
CA GLY G 112 -6.67 12.63 -25.76
C GLY G 112 -5.77 13.29 -24.74
N TYR G 113 -5.66 14.61 -24.76
CA TYR G 113 -4.70 15.30 -23.91
C TYR G 113 -5.30 16.58 -23.34
N GLN G 114 -4.67 17.05 -22.27
CA GLN G 114 -5.00 18.31 -21.63
C GLN G 114 -3.72 18.81 -20.97
N GLN G 115 -3.15 19.90 -21.47
CA GLN G 115 -1.82 20.33 -21.08
C GLN G 115 -1.82 21.81 -20.72
N TYR G 116 -1.68 22.12 -19.44
CA TYR G 116 -1.51 23.49 -18.98
C TYR G 116 -0.04 23.87 -18.94
N ALA G 117 0.24 25.15 -19.20
CA ALA G 117 1.60 25.68 -19.17
C ALA G 117 1.57 27.09 -18.62
N TYR G 118 2.51 27.39 -17.72
CA TYR G 118 2.59 28.68 -17.05
C TYR G 118 3.86 29.40 -17.50
N ASP G 119 3.68 30.52 -18.21
CA ASP G 119 4.80 31.38 -18.62
C ASP G 119 5.88 30.59 -19.36
N GLY G 120 5.46 29.56 -20.10
CA GLY G 120 6.39 28.68 -20.77
C GLY G 120 6.88 27.52 -19.95
N GLN G 121 6.43 27.38 -18.70
CA GLN G 121 6.81 26.27 -17.84
C GLN G 121 5.67 25.27 -17.76
N ASP G 122 6.01 23.99 -17.89
CA ASP G 122 5.03 22.93 -17.71
C ASP G 122 4.50 22.96 -16.28
N TYR G 123 3.18 23.11 -16.15
CA TYR G 123 2.52 23.22 -14.85
C TYR G 123 1.80 21.92 -14.51
N ILE G 124 0.64 21.67 -15.14
CA ILE G 124 -0.12 20.44 -14.92
C ILE G 124 -0.63 19.96 -16.26
N ALA G 125 -0.91 18.66 -16.34
CA ALA G 125 -1.40 18.06 -17.57
C ALA G 125 -2.15 16.78 -17.24
N LEU G 126 -3.08 16.41 -18.11
CA LEU G 126 -3.81 15.16 -17.97
C LEU G 126 -2.96 14.02 -18.50
N ASN G 127 -2.76 12.98 -17.69
CA ASN G 127 -1.97 11.84 -18.10
C ASN G 127 -2.67 11.08 -19.23
N GLU G 128 -1.93 10.19 -19.87
CA GLU G 128 -2.43 9.51 -21.06
C GLU G 128 -3.59 8.57 -20.77
N ASP G 129 -3.76 8.13 -19.52
CA ASP G 129 -4.81 7.18 -19.19
C ASP G 129 -6.17 7.86 -18.97
N LEU G 130 -6.24 9.18 -19.01
CA LEU G 130 -7.47 9.95 -18.86
C LEU G 130 -8.12 9.76 -17.49
N LYS G 131 -7.34 9.31 -16.50
CA LYS G 131 -7.83 9.19 -15.13
C LYS G 131 -6.85 9.70 -14.09
N THR G 132 -5.67 10.15 -14.50
CA THR G 132 -4.63 10.58 -13.57
C THR G 132 -4.10 11.94 -14.00
N TRP G 133 -3.80 12.79 -13.02
CA TRP G 133 -3.16 14.07 -13.27
C TRP G 133 -1.65 13.93 -13.03
N THR G 134 -0.92 14.97 -13.46
CA THR G 134 0.53 15.01 -13.28
C THR G 134 0.93 16.44 -12.97
N ALA G 135 1.53 16.65 -11.80
CA ALA G 135 1.86 17.97 -11.30
C ALA G 135 3.37 18.16 -11.31
N ALA G 136 3.81 19.31 -11.82
CA ALA G 136 5.24 19.56 -11.95
C ALA G 136 5.83 20.09 -10.63
N ASP G 137 5.21 21.10 -10.03
CA ASP G 137 5.69 21.72 -8.81
C ASP G 137 4.62 21.66 -7.73
N MET G 138 4.99 22.13 -6.53
CA MET G 138 4.06 22.12 -5.40
C MET G 138 2.76 22.83 -5.73
N ALA G 139 2.85 23.99 -6.40
CA ALA G 139 1.64 24.71 -6.78
C ALA G 139 0.77 23.87 -7.72
N ALA G 140 1.39 23.11 -8.62
CA ALA G 140 0.63 22.20 -9.46
C ALA G 140 0.05 21.06 -8.64
N LEU G 141 0.79 20.59 -7.63
CA LEU G 141 0.24 19.58 -6.72
C LEU G 141 -0.91 20.13 -5.88
N ILE G 142 -1.03 21.45 -5.77
CA ILE G 142 -2.20 22.03 -5.11
C ILE G 142 -3.42 21.92 -6.01
N THR G 143 -3.26 22.28 -7.29
CA THR G 143 -4.36 22.12 -8.25
C THR G 143 -4.74 20.66 -8.41
N LYS G 144 -3.75 19.78 -8.53
CA LYS G 144 -4.02 18.35 -8.66
C LYS G 144 -4.92 17.86 -7.53
N HIS G 145 -4.53 18.13 -6.28
CA HIS G 145 -5.38 17.78 -5.15
C HIS G 145 -6.72 18.49 -5.24
N LYS G 146 -6.72 19.75 -5.66
CA LYS G 146 -7.97 20.49 -5.84
C LYS G 146 -8.87 19.80 -6.87
N TRP G 147 -8.30 19.48 -8.04
CA TRP G 147 -9.08 18.86 -9.10
C TRP G 147 -9.41 17.41 -8.80
N GLU G 148 -8.45 16.66 -8.23
CA GLU G 148 -8.67 15.24 -7.97
C GLU G 148 -9.96 15.01 -7.23
N GLN G 149 -10.20 15.78 -6.18
CA GLN G 149 -11.43 15.61 -5.42
C GLN G 149 -12.60 16.37 -6.04
N ALA G 150 -12.33 17.48 -6.71
CA ALA G 150 -13.39 18.20 -7.42
C ALA G 150 -13.99 17.37 -8.53
N GLY G 151 -13.31 16.31 -8.97
CA GLY G 151 -13.83 15.47 -10.02
C GLY G 151 -13.69 16.03 -11.41
N GLU G 152 -12.71 16.92 -11.63
CA GLU G 152 -12.51 17.49 -12.96
C GLU G 152 -12.13 16.44 -13.98
N ALA G 153 -11.42 15.39 -13.54
CA ALA G 153 -10.98 14.35 -14.48
C ALA G 153 -12.17 13.63 -15.11
N GLU G 154 -13.24 13.42 -14.33
CA GLU G 154 -14.40 12.70 -14.85
C GLU G 154 -15.13 13.51 -15.91
N ARG G 155 -15.32 14.81 -15.69
CA ARG G 155 -15.96 15.63 -16.70
C ARG G 155 -15.00 15.92 -17.86
N LEU G 156 -13.70 16.02 -17.58
CA LEU G 156 -12.74 16.23 -18.66
C LEU G 156 -12.67 15.01 -19.57
N ARG G 157 -12.74 13.81 -19.00
CA ARG G 157 -12.72 12.60 -19.82
C ARG G 157 -13.95 12.54 -20.72
N ALA G 158 -15.11 12.96 -20.22
CA ALA G 158 -16.32 12.96 -21.03
C ALA G 158 -16.17 13.88 -22.23
N TYR G 159 -15.57 15.06 -22.03
CA TYR G 159 -15.30 15.94 -23.16
C TYR G 159 -14.31 15.30 -24.13
N LEU G 160 -13.17 14.84 -23.60
CA LEU G 160 -12.12 14.29 -24.46
C LEU G 160 -12.61 13.09 -25.25
N GLU G 161 -13.37 12.20 -24.61
CA GLU G 161 -13.83 10.99 -25.29
C GLU G 161 -15.10 11.24 -26.08
N GLY G 162 -16.09 11.89 -25.46
CA GLY G 162 -17.38 12.06 -26.10
C GLY G 162 -17.56 13.35 -26.86
N THR G 163 -17.53 14.48 -26.16
CA THR G 163 -17.83 15.76 -26.79
C THR G 163 -16.80 16.12 -27.85
N CYS G 164 -15.52 15.91 -27.55
CA CYS G 164 -14.45 16.31 -28.47
C CYS G 164 -14.55 15.54 -29.79
N VAL G 165 -14.69 14.21 -29.71
CA VAL G 165 -14.78 13.40 -30.92
C VAL G 165 -16.05 13.72 -31.68
N GLU G 166 -17.14 14.03 -30.97
CA GLU G 166 -18.44 14.20 -31.61
C GLU G 166 -18.44 15.39 -32.55
N TRP G 167 -17.90 16.53 -32.10
CA TRP G 167 -17.87 17.72 -32.94
C TRP G 167 -16.79 17.67 -34.00
N LEU G 168 -15.72 16.90 -33.77
CA LEU G 168 -14.72 16.69 -34.81
C LEU G 168 -15.35 16.04 -36.03
N ARG G 169 -16.31 15.15 -35.82
CA ARG G 169 -17.03 14.53 -36.93
C ARG G 169 -17.86 15.56 -37.68
N ARG G 170 -18.49 16.50 -36.95
CA ARG G 170 -19.27 17.54 -37.59
C ARG G 170 -18.40 18.41 -38.48
N TYR G 171 -17.29 18.91 -37.93
CA TYR G 171 -16.46 19.85 -38.68
C TYR G 171 -15.84 19.20 -39.91
N LEU G 172 -15.42 17.94 -39.80
CA LEU G 172 -14.79 17.27 -40.93
C LEU G 172 -15.76 17.07 -42.08
N LYS G 173 -17.03 16.80 -41.79
CA LYS G 173 -18.03 16.70 -42.85
C LYS G 173 -18.28 18.05 -43.50
N ASN G 174 -18.37 19.12 -42.69
CA ASN G 174 -18.58 20.45 -43.24
C ASN G 174 -17.40 20.91 -44.08
N GLY G 175 -16.19 20.51 -43.72
CA GLY G 175 -15.03 20.91 -44.49
C GLY G 175 -14.94 20.18 -45.83
N ASN G 176 -15.32 18.91 -45.85
CA ASN G 176 -15.27 18.15 -47.09
C ASN G 176 -16.38 18.56 -48.04
N ALA G 177 -17.57 18.81 -47.52
CA ALA G 177 -18.70 19.21 -48.35
C ALA G 177 -18.52 20.61 -48.91
N ARG H 1 -15.48 21.50 -30.00
CA ARG H 1 -16.47 22.47 -29.56
C ARG H 1 -15.83 23.58 -28.74
N GLY H 2 -15.19 23.19 -27.64
CA GLY H 2 -14.56 24.14 -26.75
C GLY H 2 -14.81 23.84 -25.30
N TYR H 3 -13.78 23.39 -24.58
CA TYR H 3 -13.95 22.98 -23.19
C TYR H 3 -14.22 24.20 -22.31
N LEU H 4 -14.96 23.99 -21.22
CA LEU H 4 -15.28 25.06 -20.24
C LEU H 4 -14.43 24.87 -18.98
N TYR H 5 -13.20 25.38 -18.94
CA TYR H 5 -12.24 25.20 -17.86
C TYR H 5 -12.76 25.83 -16.57
N GLN H 6 -12.35 25.25 -15.44
CA GLN H 6 -12.84 25.71 -14.14
C GLN H 6 -11.79 25.44 -13.08
N GLY H 7 -11.25 26.51 -12.50
CA GLY H 7 -10.47 26.42 -11.28
C GLY H 7 -9.03 25.98 -11.50
N LEU H 8 -8.20 26.30 -10.52
CA LEU H 8 -6.82 25.86 -10.46
C LEU H 8 -6.37 25.82 -9.00
N SER I 2 -25.82 13.96 8.81
CA SER I 2 -26.47 14.59 7.67
C SER I 2 -26.00 13.94 6.36
N GLY I 3 -25.14 14.64 5.64
CA GLY I 3 -24.61 14.15 4.38
C GLY I 3 -25.56 14.36 3.22
N VAL I 4 -25.06 14.06 2.02
CA VAL I 4 -25.85 14.18 0.81
C VAL I 4 -26.83 13.02 0.73
N VAL I 5 -28.07 13.32 0.37
CA VAL I 5 -29.14 12.31 0.29
C VAL I 5 -29.53 12.13 -1.16
N GLN I 6 -29.74 10.88 -1.56
CA GLN I 6 -30.31 10.59 -2.87
C GLN I 6 -31.16 9.33 -2.75
N SER I 7 -32.31 9.35 -3.41
CA SER I 7 -33.33 8.34 -3.27
C SER I 7 -34.01 8.13 -4.62
N PRO I 8 -34.66 6.99 -4.84
CA PRO I 8 -34.78 5.85 -3.92
C PRO I 8 -33.58 4.92 -3.89
N ARG I 9 -33.64 3.93 -3.01
CA ARG I 9 -32.51 3.03 -2.77
C ARG I 9 -32.31 2.08 -3.96
N HIS I 10 -33.38 1.45 -4.43
CA HIS I 10 -33.32 0.52 -5.55
C HIS I 10 -34.52 0.72 -6.44
N ILE I 11 -34.27 0.79 -7.75
CA ILE I 11 -35.32 0.77 -8.77
C ILE I 11 -35.05 -0.40 -9.70
N ILE I 12 -36.12 -1.06 -10.13
CA ILE I 12 -36.05 -2.13 -11.11
C ILE I 12 -37.17 -1.93 -12.13
N LYS I 13 -36.79 -1.73 -13.39
CA LYS I 13 -37.74 -1.60 -14.49
C LYS I 13 -37.24 -2.40 -15.68
N GLU I 14 -38.17 -2.81 -16.53
CA GLU I 14 -37.84 -3.61 -17.69
C GLU I 14 -37.61 -2.72 -18.91
N LYS I 15 -37.32 -3.37 -20.05
CA LYS I 15 -37.06 -2.69 -21.30
C LYS I 15 -38.18 -1.73 -21.67
N GLY I 16 -37.84 -0.47 -21.87
CA GLY I 16 -38.81 0.52 -22.32
C GLY I 16 -39.66 1.15 -21.24
N GLY I 17 -39.24 1.08 -19.98
CA GLY I 17 -39.99 1.64 -18.88
C GLY I 17 -39.64 3.09 -18.60
N ARG I 18 -39.94 3.52 -17.37
CA ARG I 18 -39.66 4.87 -16.92
C ARG I 18 -39.20 4.82 -15.47
N SER I 19 -38.37 5.79 -15.09
CA SER I 19 -37.85 5.85 -13.73
C SER I 19 -37.59 7.30 -13.36
N VAL I 20 -37.62 7.58 -12.06
CA VAL I 20 -37.40 8.93 -11.54
C VAL I 20 -36.46 8.81 -10.34
N LEU I 21 -35.34 9.53 -10.40
CA LEU I 21 -34.37 9.56 -9.30
C LEU I 21 -34.38 10.94 -8.65
N THR I 22 -34.11 10.95 -7.34
CA THR I 22 -34.10 12.18 -6.56
C THR I 22 -32.79 12.27 -5.80
N CYS I 23 -32.31 13.50 -5.62
CA CYS I 23 -31.04 13.72 -4.92
C CYS I 23 -31.12 15.05 -4.19
N ILE I 24 -31.27 15.01 -2.87
CA ILE I 24 -31.24 16.21 -2.05
C ILE I 24 -29.78 16.53 -1.76
N PRO I 25 -29.24 17.62 -2.27
CA PRO I 25 -27.86 18.00 -1.93
C PRO I 25 -27.77 18.55 -0.53
N ILE I 26 -26.52 18.61 -0.03
CA ILE I 26 -26.29 19.23 1.26
C ILE I 26 -26.71 20.69 1.19
N SER I 27 -27.47 21.13 2.19
CA SER I 27 -28.03 22.48 2.18
C SER I 27 -26.92 23.52 2.04
N GLY I 28 -27.18 24.53 1.21
CA GLY I 28 -26.21 25.56 0.92
C GLY I 28 -25.39 25.34 -0.33
N HIS I 29 -25.59 24.21 -1.02
CA HIS I 29 -24.85 23.90 -2.23
C HIS I 29 -25.70 24.24 -3.45
N SER I 30 -25.06 24.77 -4.49
CA SER I 30 -25.73 25.11 -5.74
C SER I 30 -25.23 24.35 -6.95
N ASN I 31 -24.06 23.71 -6.86
CA ASN I 31 -23.49 22.97 -7.98
C ASN I 31 -23.70 21.48 -7.76
N VAL I 32 -24.63 20.90 -8.50
CA VAL I 32 -24.92 19.47 -8.44
C VAL I 32 -24.48 18.84 -9.75
N VAL I 33 -24.07 17.57 -9.67
CA VAL I 33 -23.55 16.85 -10.83
C VAL I 33 -23.83 15.37 -10.64
N TRP I 34 -24.30 14.72 -11.71
CA TRP I 34 -24.63 13.30 -11.69
C TRP I 34 -23.52 12.47 -12.34
N TYR I 35 -23.42 11.22 -11.89
CA TYR I 35 -22.55 10.24 -12.51
C TYR I 35 -23.30 8.92 -12.65
N GLN I 36 -22.93 8.16 -13.68
CA GLN I 36 -23.43 6.80 -13.88
C GLN I 36 -22.23 5.87 -13.94
N GLN I 37 -22.26 4.83 -13.12
CA GLN I 37 -21.12 3.92 -13.17
C GLN I 37 -21.64 2.57 -13.62
N THR I 38 -21.14 2.08 -14.75
CA THR I 38 -21.48 0.70 -15.15
C THR I 38 -20.79 -0.16 -14.09
N LEU I 39 -21.40 -1.26 -13.64
CA LEU I 39 -20.81 -2.02 -12.51
C LEU I 39 -19.39 -2.49 -12.86
N GLY I 40 -19.17 -2.96 -14.08
CA GLY I 40 -17.77 -3.23 -14.38
C GLY I 40 -17.04 -1.94 -14.68
N LYS I 41 -15.89 -1.74 -14.03
CA LYS I 41 -14.93 -0.64 -14.28
C LYS I 41 -15.40 0.81 -14.01
N GLU I 42 -15.25 1.64 -15.04
CA GLU I 42 -15.23 3.13 -15.17
C GLU I 42 -16.46 3.86 -14.65
N LEU I 43 -16.26 5.14 -14.32
CA LEU I 43 -17.33 6.07 -13.86
C LEU I 43 -17.52 7.17 -14.90
N LYS I 44 -18.75 7.41 -15.35
CA LYS I 44 -19.04 8.34 -16.44
C LYS I 44 -19.74 9.59 -15.91
N PHE I 45 -19.31 10.74 -16.42
CA PHE I 45 -19.91 12.04 -16.10
C PHE I 45 -20.98 12.37 -17.13
N LEU I 46 -22.16 12.79 -16.67
CA LEU I 46 -23.28 13.08 -17.54
C LEU I 46 -23.58 14.58 -17.59
N ILE I 47 -24.16 15.15 -16.53
CA ILE I 47 -24.60 16.53 -16.54
C ILE I 47 -24.16 17.23 -15.27
N GLN I 48 -23.96 18.54 -15.37
CA GLN I 48 -23.57 19.38 -14.25
C GLN I 48 -24.47 20.61 -14.21
N HIS I 49 -24.76 21.09 -13.01
CA HIS I 49 -25.63 22.25 -12.84
C HIS I 49 -25.02 23.20 -11.83
N TYR I 50 -25.55 24.43 -11.82
CA TYR I 50 -25.01 25.48 -10.98
C TYR I 50 -26.07 26.58 -10.82
N GLU I 51 -26.21 27.07 -9.58
CA GLU I 51 -27.19 28.10 -9.26
C GLU I 51 -28.57 27.69 -9.80
N LYS I 52 -28.87 26.41 -9.68
CA LYS I 52 -30.09 25.79 -10.19
C LYS I 52 -30.19 25.87 -11.71
N VAL I 53 -29.08 26.11 -12.41
CA VAL I 53 -29.06 26.21 -13.86
C VAL I 53 -27.96 25.29 -14.40
N GLU I 54 -28.10 24.93 -15.68
CA GLU I 54 -27.18 23.99 -16.32
C GLU I 54 -25.84 24.64 -16.62
N ARG I 55 -24.78 23.83 -16.51
CA ARG I 55 -23.42 24.29 -16.80
C ARG I 55 -22.82 23.53 -17.97
N ASP I 56 -22.40 22.29 -17.72
CA ASP I 56 -21.79 21.44 -18.73
C ASP I 56 -22.44 20.07 -18.72
N LYS I 57 -22.74 19.54 -19.90
CA LYS I 57 -23.32 18.22 -20.07
C LYS I 57 -22.39 17.37 -20.92
N GLY I 58 -22.31 16.08 -20.61
CA GLY I 58 -21.35 15.21 -21.26
C GLY I 58 -21.90 13.92 -21.81
N PHE I 59 -21.77 12.83 -21.05
CA PHE I 59 -22.16 11.50 -21.52
C PHE I 59 -23.66 11.23 -21.42
N LEU I 60 -24.44 12.21 -20.97
CA LEU I 60 -25.86 12.00 -20.79
C LEU I 60 -26.53 11.78 -22.15
N PRO I 61 -27.35 10.73 -22.30
CA PRO I 61 -28.06 10.54 -23.58
C PRO I 61 -29.30 11.40 -23.69
N CYS I 62 -30.08 11.20 -24.75
CA CYS I 62 -31.22 12.07 -25.04
C CYS I 62 -32.47 11.69 -24.27
N ARG I 63 -32.63 10.41 -23.91
CA ARG I 63 -33.86 9.98 -23.28
C ARG I 63 -33.98 10.47 -21.84
N PHE I 64 -32.87 10.61 -21.13
CA PHE I 64 -32.90 11.07 -19.75
C PHE I 64 -33.18 12.58 -19.70
N SER I 65 -33.36 13.09 -18.49
CA SER I 65 -33.61 14.50 -18.28
C SER I 65 -33.33 14.84 -16.82
N VAL I 66 -33.16 16.13 -16.57
CA VAL I 66 -32.89 16.63 -15.21
C VAL I 66 -33.18 18.12 -15.19
N GLN I 67 -33.60 18.61 -14.04
CA GLN I 67 -33.90 20.04 -13.88
C GLN I 67 -33.91 20.37 -12.39
N GLN I 68 -33.25 21.46 -12.04
CA GLN I 68 -33.14 21.90 -10.64
C GLN I 68 -34.36 22.72 -10.27
N PHE I 69 -34.98 22.39 -9.15
CA PHE I 69 -36.22 23.03 -8.72
C PHE I 69 -35.93 24.27 -7.89
N ASP I 70 -37.01 25.02 -7.60
CA ASP I 70 -36.93 26.07 -6.60
C ASP I 70 -36.50 25.49 -5.26
N ASP I 71 -37.15 24.42 -4.83
CA ASP I 71 -36.62 23.58 -3.77
C ASP I 71 -35.22 23.13 -4.16
N TYR I 72 -34.28 23.20 -3.20
CA TYR I 72 -32.87 22.98 -3.50
C TYR I 72 -32.60 21.62 -4.13
N HIS I 73 -33.47 20.64 -3.92
CA HIS I 73 -33.25 19.30 -4.44
C HIS I 73 -33.38 19.27 -5.96
N SER I 74 -32.85 18.21 -6.55
CA SER I 74 -32.88 18.00 -7.99
C SER I 74 -33.28 16.56 -8.29
N GLU I 75 -33.98 16.38 -9.40
CA GLU I 75 -34.46 15.07 -9.82
C GLU I 75 -34.06 14.80 -11.26
N MET I 76 -33.68 13.56 -11.54
CA MET I 76 -33.40 13.10 -12.90
C MET I 76 -34.56 12.23 -13.37
N ASN I 77 -35.26 12.70 -14.42
CA ASN I 77 -36.40 11.98 -14.98
C ASN I 77 -35.91 11.13 -16.14
N MET I 78 -35.55 9.89 -15.83
CA MET I 78 -35.11 8.95 -16.84
C MET I 78 -36.31 8.36 -17.58
N SER I 79 -36.09 7.96 -18.83
CA SER I 79 -37.18 7.47 -19.66
C SER I 79 -36.62 6.60 -20.78
N ALA I 80 -37.52 5.79 -21.36
CA ALA I 80 -37.21 4.94 -22.51
C ALA I 80 -35.99 4.06 -22.23
N LEU I 81 -36.02 3.37 -21.09
CA LEU I 81 -34.87 2.60 -20.65
C LEU I 81 -34.58 1.43 -21.57
N GLU I 82 -33.30 1.10 -21.67
CA GLU I 82 -32.81 0.01 -22.50
C GLU I 82 -31.93 -0.90 -21.66
N LEU I 83 -31.67 -2.11 -22.17
CA LEU I 83 -30.88 -3.10 -21.44
C LEU I 83 -29.53 -2.56 -20.97
N GLU I 84 -28.92 -1.67 -21.74
CA GLU I 84 -27.59 -1.16 -21.41
C GLU I 84 -27.64 -0.05 -20.37
N ASP I 85 -28.81 0.30 -19.86
CA ASP I 85 -28.94 1.36 -18.86
C ASP I 85 -28.82 0.85 -17.43
N SER I 86 -28.71 -0.46 -17.22
CA SER I 86 -28.54 -1.00 -15.88
C SER I 86 -27.15 -0.63 -15.36
N ALA I 87 -27.10 0.31 -14.42
CA ALA I 87 -25.84 0.78 -13.88
C ALA I 87 -26.10 1.46 -12.55
N MET I 88 -25.01 1.75 -11.84
CA MET I 88 -25.07 2.45 -10.57
C MET I 88 -25.08 3.95 -10.82
N TYR I 89 -26.12 4.62 -10.36
CA TYR I 89 -26.33 6.04 -10.62
C TYR I 89 -26.00 6.83 -9.36
N PHE I 90 -24.85 7.51 -9.37
CA PHE I 90 -24.44 8.35 -8.25
C PHE I 90 -24.83 9.80 -8.48
N CYS I 91 -24.84 10.55 -7.39
CA CYS I 91 -25.11 11.98 -7.42
C CYS I 91 -24.23 12.66 -6.40
N ALA I 92 -23.67 13.82 -6.76
CA ALA I 92 -22.78 14.56 -5.89
C ALA I 92 -23.12 16.05 -5.99
N SER I 93 -22.60 16.82 -5.03
CA SER I 93 -22.92 18.23 -4.94
C SER I 93 -21.71 19.01 -4.44
N SER I 94 -21.71 20.31 -4.76
CA SER I 94 -20.71 21.23 -4.25
C SER I 94 -21.29 22.63 -4.29
N LEU I 95 -20.60 23.54 -3.60
CA LEU I 95 -21.05 24.92 -3.50
C LEU I 95 -21.03 25.60 -4.87
N ARG I 96 -19.88 25.56 -5.55
CA ARG I 96 -19.67 26.33 -6.76
C ARG I 96 -18.37 25.92 -7.44
N TRP I 97 -18.46 24.94 -8.35
CA TRP I 97 -17.26 24.30 -8.87
C TRP I 97 -16.40 23.86 -7.70
N GLY I 98 -15.50 24.75 -7.28
CA GLY I 98 -14.75 24.55 -6.05
C GLY I 98 -14.14 23.18 -5.97
N ASP I 99 -14.25 22.57 -4.80
CA ASP I 99 -13.61 21.28 -4.56
C ASP I 99 -14.44 20.53 -3.52
N GLU I 100 -13.82 19.51 -2.92
CA GLU I 100 -14.44 18.65 -1.92
C GLU I 100 -15.87 18.27 -2.32
N GLN I 101 -15.98 17.67 -3.50
CA GLN I 101 -17.27 17.16 -3.96
C GLN I 101 -17.77 16.09 -3.01
N TYR I 102 -19.01 16.25 -2.55
CA TYR I 102 -19.62 15.33 -1.61
C TYR I 102 -20.66 14.49 -2.34
N PHE I 103 -20.41 13.18 -2.40
CA PHE I 103 -21.20 12.25 -3.19
C PHE I 103 -22.49 11.88 -2.46
N GLY I 104 -23.35 11.16 -3.18
CA GLY I 104 -24.52 10.57 -2.59
C GLY I 104 -24.32 9.09 -2.33
N PRO I 105 -25.30 8.44 -1.69
CA PRO I 105 -25.16 7.01 -1.42
C PRO I 105 -25.17 6.15 -2.67
N GLY I 106 -25.86 6.58 -3.73
CA GLY I 106 -25.91 5.82 -4.95
C GLY I 106 -27.19 5.04 -5.11
N THR I 107 -27.80 5.11 -6.29
CA THR I 107 -29.02 4.37 -6.61
C THR I 107 -28.67 3.29 -7.62
N ARG I 108 -28.93 2.04 -7.26
CA ARG I 108 -28.69 0.91 -8.16
C ARG I 108 -29.97 0.59 -8.93
N LEU I 109 -29.84 0.57 -10.26
CA LEU I 109 -30.97 0.28 -11.14
C LEU I 109 -30.57 -0.82 -12.10
N THR I 110 -31.33 -1.91 -12.09
CA THR I 110 -31.15 -3.01 -13.05
C THR I 110 -32.33 -3.02 -13.99
N VAL I 111 -32.07 -2.94 -15.29
CA VAL I 111 -33.11 -2.99 -16.31
C VAL I 111 -33.22 -4.42 -16.81
N VAL I 112 -34.43 -4.95 -16.79
CA VAL I 112 -34.70 -6.36 -17.09
C VAL I 112 -35.12 -6.49 -18.55
N GLU I 113 -34.76 -7.62 -19.15
CA GLU I 113 -35.29 -7.96 -20.47
C GLU I 113 -36.81 -8.04 -20.43
N ASP I 114 -37.34 -8.76 -19.45
CA ASP I 114 -38.78 -8.89 -19.26
C ASP I 114 -39.05 -8.91 -17.76
N LEU I 115 -39.81 -7.93 -17.29
CA LEU I 115 -40.07 -7.76 -15.85
C LEU I 115 -40.77 -8.97 -15.23
N ARG I 116 -41.33 -9.87 -16.05
CA ARG I 116 -42.10 -10.99 -15.54
C ARG I 116 -41.28 -11.98 -14.71
N ASN I 117 -39.96 -11.87 -14.69
CA ASN I 117 -39.13 -12.88 -14.04
C ASN I 117 -38.17 -12.25 -13.06
N VAL I 118 -38.61 -11.22 -12.34
CA VAL I 118 -37.91 -10.83 -11.12
C VAL I 118 -38.27 -11.85 -10.05
N THR I 119 -37.27 -12.34 -9.33
CA THR I 119 -37.48 -13.52 -8.51
C THR I 119 -36.92 -13.30 -7.10
N PRO I 120 -37.73 -13.51 -6.06
CA PRO I 120 -37.17 -13.49 -4.71
C PRO I 120 -36.24 -14.68 -4.51
N PRO I 121 -35.21 -14.53 -3.69
CA PRO I 121 -34.25 -15.62 -3.51
C PRO I 121 -34.85 -16.79 -2.74
N LYS I 122 -34.18 -17.93 -2.87
CA LYS I 122 -34.37 -19.03 -1.94
C LYS I 122 -33.27 -18.94 -0.89
N VAL I 123 -33.64 -19.06 0.38
CA VAL I 123 -32.67 -18.93 1.46
C VAL I 123 -32.78 -20.15 2.36
N SER I 124 -31.63 -20.72 2.70
CA SER I 124 -31.58 -21.93 3.53
C SER I 124 -30.18 -22.02 4.10
N LEU I 125 -30.09 -22.09 5.43
CA LEU I 125 -28.79 -22.12 6.09
C LEU I 125 -28.45 -23.54 6.54
N ARG I 126 -27.15 -23.84 6.53
CA ARG I 126 -26.65 -25.18 6.78
C ARG I 126 -25.97 -25.25 8.13
N GLU I 127 -26.38 -26.21 8.95
CA GLU I 127 -25.75 -26.42 10.25
C GLU I 127 -24.30 -26.87 10.06
N PRO I 128 -23.44 -26.59 11.03
CA PRO I 128 -21.99 -26.73 10.78
C PRO I 128 -21.55 -28.18 10.73
N SER I 129 -20.41 -28.39 10.07
CA SER I 129 -19.89 -29.73 9.85
C SER I 129 -19.58 -30.42 11.18
N LYS I 130 -19.99 -31.68 11.29
CA LYS I 130 -19.72 -32.44 12.50
C LYS I 130 -18.22 -32.69 12.68
N ALA I 131 -17.52 -32.99 11.59
CA ALA I 131 -16.08 -33.20 11.67
C ALA I 131 -15.35 -31.91 12.03
N GLU I 132 -15.86 -30.77 11.55
CA GLU I 132 -15.23 -29.49 11.84
C GLU I 132 -15.32 -29.16 13.34
N ILE I 133 -16.46 -29.48 13.96
CA ILE I 133 -16.61 -29.24 15.39
C ILE I 133 -15.75 -30.21 16.19
N ALA I 134 -15.77 -31.48 15.82
CA ALA I 134 -15.07 -32.50 16.62
C ALA I 134 -13.56 -32.34 16.57
N ASN I 135 -13.02 -31.90 15.44
CA ASN I 135 -11.57 -31.88 15.25
C ASN I 135 -10.93 -30.52 15.52
N LYS I 136 -11.69 -29.43 15.43
CA LYS I 136 -11.14 -28.09 15.60
C LYS I 136 -11.79 -27.30 16.73
N GLN I 137 -12.98 -27.72 17.21
CA GLN I 137 -13.73 -27.00 18.24
C GLN I 137 -14.12 -25.59 17.78
N LYS I 138 -14.31 -25.44 16.47
CA LYS I 138 -14.72 -24.16 15.89
C LYS I 138 -15.27 -24.43 14.50
N ALA I 139 -16.50 -24.01 14.24
CA ALA I 139 -17.17 -24.37 13.00
C ALA I 139 -17.87 -23.14 12.41
N THR I 140 -18.58 -23.36 11.31
CA THR I 140 -19.12 -22.28 10.50
C THR I 140 -20.53 -22.61 10.03
N LEU I 141 -21.47 -21.71 10.30
CA LEU I 141 -22.79 -21.78 9.68
C LEU I 141 -22.72 -21.22 8.27
N GLN I 142 -23.35 -21.91 7.32
CA GLN I 142 -23.37 -21.47 5.94
C GLN I 142 -24.79 -21.09 5.54
N CYS I 143 -24.94 -19.89 4.97
CA CYS I 143 -26.20 -19.44 4.39
C CYS I 143 -26.06 -19.33 2.88
N GLN I 144 -27.12 -19.70 2.16
CA GLN I 144 -27.10 -19.69 0.70
C GLN I 144 -28.36 -19.03 0.16
N ALA I 145 -28.18 -18.24 -0.88
CA ALA I 145 -29.29 -17.57 -1.57
C ALA I 145 -29.19 -17.89 -3.05
N ARG I 146 -30.17 -18.63 -3.57
CA ARG I 146 -30.25 -18.96 -4.99
C ARG I 146 -31.62 -18.54 -5.52
N GLY I 147 -31.77 -18.68 -6.84
CA GLY I 147 -33.03 -18.41 -7.50
C GLY I 147 -33.54 -16.99 -7.32
N PHE I 148 -32.70 -16.00 -7.56
CA PHE I 148 -33.11 -14.61 -7.47
C PHE I 148 -32.47 -13.80 -8.58
N PHE I 149 -33.18 -12.76 -9.02
CA PHE I 149 -32.73 -11.87 -10.06
C PHE I 149 -33.60 -10.62 -10.06
N PRO I 150 -33.00 -9.42 -9.99
CA PRO I 150 -31.56 -9.19 -9.99
C PRO I 150 -30.95 -9.36 -8.60
N ASP I 151 -29.65 -9.15 -8.49
CA ASP I 151 -28.95 -9.32 -7.21
C ASP I 151 -29.14 -8.15 -6.26
N HIS I 152 -30.35 -7.62 -6.17
CA HIS I 152 -30.67 -6.56 -5.21
C HIS I 152 -30.93 -7.15 -3.83
N VAL I 153 -29.94 -7.90 -3.34
CA VAL I 153 -30.05 -8.62 -2.08
C VAL I 153 -29.00 -8.11 -1.12
N GLU I 154 -29.35 -8.10 0.16
CA GLU I 154 -28.44 -7.73 1.25
C GLU I 154 -28.58 -8.78 2.34
N LEU I 155 -27.55 -9.62 2.49
CA LEU I 155 -27.57 -10.72 3.45
C LEU I 155 -26.98 -10.26 4.77
N SER I 156 -27.72 -10.49 5.85
CA SER I 156 -27.28 -10.13 7.19
C SER I 156 -27.49 -11.30 8.13
N TRP I 157 -26.61 -11.42 9.12
CA TRP I 157 -26.69 -12.47 10.13
C TRP I 157 -27.22 -11.89 11.43
N TRP I 158 -28.11 -12.63 12.08
CA TRP I 158 -28.73 -12.21 13.32
C TRP I 158 -28.66 -13.35 14.33
N VAL I 159 -28.00 -13.10 15.46
CA VAL I 159 -27.92 -14.07 16.55
C VAL I 159 -28.64 -13.49 17.76
N ASN I 160 -29.47 -14.32 18.41
CA ASN I 160 -30.20 -13.96 19.62
C ASN I 160 -30.92 -12.62 19.47
N GLY I 161 -31.64 -12.47 18.37
CA GLY I 161 -32.42 -11.27 18.11
C GLY I 161 -31.62 -10.01 17.86
N LYS I 162 -30.30 -10.10 17.77
CA LYS I 162 -29.45 -8.95 17.49
C LYS I 162 -28.61 -9.23 16.24
N GLU I 163 -28.28 -8.16 15.52
CA GLU I 163 -27.44 -8.29 14.34
C GLU I 163 -25.99 -8.48 14.74
N VAL I 164 -25.30 -9.40 14.07
CA VAL I 164 -23.89 -9.67 14.32
C VAL I 164 -23.12 -9.34 13.06
N HIS I 165 -21.92 -8.80 13.23
CA HIS I 165 -21.07 -8.39 12.13
C HIS I 165 -19.76 -9.15 12.06
N SER I 166 -19.08 -9.33 13.21
CA SER I 166 -17.83 -10.06 13.23
C SER I 166 -18.06 -11.55 13.01
N GLY I 167 -17.10 -12.20 12.35
CA GLY I 167 -17.18 -13.60 12.06
C GLY I 167 -17.83 -13.94 10.74
N VAL I 168 -18.68 -13.06 10.21
CA VAL I 168 -19.33 -13.34 8.93
C VAL I 168 -18.32 -13.19 7.80
N SER I 169 -18.50 -14.00 6.76
CA SER I 169 -17.63 -13.99 5.59
C SER I 169 -18.49 -14.13 4.33
N THR I 170 -19.37 -13.14 4.15
CA THR I 170 -20.29 -13.17 3.01
C THR I 170 -19.52 -13.00 1.71
N ASP I 171 -19.93 -13.77 0.68
CA ASP I 171 -19.35 -13.69 -0.65
C ASP I 171 -19.39 -12.25 -1.15
N PRO I 172 -18.39 -11.83 -1.96
CA PRO I 172 -18.29 -10.41 -2.33
C PRO I 172 -19.52 -9.87 -3.03
N GLN I 173 -19.92 -10.52 -4.13
CA GLN I 173 -21.10 -10.12 -4.88
C GLN I 173 -21.84 -11.38 -5.31
N ALA I 174 -23.15 -11.24 -5.52
CA ALA I 174 -23.97 -12.37 -5.91
C ALA I 174 -23.54 -12.92 -7.26
N TYR I 175 -22.95 -14.11 -7.26
CA TYR I 175 -22.49 -14.74 -8.49
C TYR I 175 -23.64 -15.45 -9.18
N LYS I 176 -23.72 -15.29 -10.50
CA LYS I 176 -24.89 -15.75 -11.25
C LYS I 176 -24.96 -17.26 -11.29
N GLU I 177 -26.18 -17.77 -11.44
CA GLU I 177 -26.43 -19.17 -11.75
C GLU I 177 -27.17 -19.33 -13.07
N SER I 178 -28.24 -18.57 -13.27
CA SER I 178 -28.94 -18.53 -14.55
C SER I 178 -29.04 -17.07 -14.99
N ASN I 179 -29.49 -16.87 -16.23
CA ASN I 179 -29.66 -15.53 -16.75
C ASN I 179 -30.70 -14.76 -15.94
N TYR I 180 -31.77 -15.43 -15.52
CA TYR I 180 -32.83 -14.82 -14.73
C TYR I 180 -32.80 -15.31 -13.28
N SER I 181 -31.61 -15.69 -12.78
CA SER I 181 -31.50 -16.22 -11.42
C SER I 181 -30.03 -16.19 -10.99
N TYR I 182 -29.69 -15.25 -10.11
CA TYR I 182 -28.38 -15.22 -9.49
C TYR I 182 -28.34 -16.16 -8.29
N SER I 183 -27.14 -16.29 -7.71
CA SER I 183 -26.96 -17.07 -6.50
C SER I 183 -26.02 -16.33 -5.56
N LEU I 184 -26.01 -16.75 -4.30
CA LEU I 184 -25.19 -16.11 -3.28
C LEU I 184 -25.03 -17.06 -2.10
N SER I 185 -23.84 -17.03 -1.49
CA SER I 185 -23.55 -17.83 -0.31
C SER I 185 -22.90 -16.95 0.75
N SER I 186 -22.93 -17.43 1.98
CA SER I 186 -22.32 -16.72 3.10
C SER I 186 -22.02 -17.72 4.20
N ARG I 187 -21.05 -17.36 5.05
CA ARG I 187 -20.62 -18.25 6.12
C ARG I 187 -20.22 -17.45 7.35
N LEU I 188 -20.72 -17.87 8.50
CA LEU I 188 -20.49 -17.22 9.78
C LEU I 188 -19.82 -18.18 10.75
N ARG I 189 -18.71 -17.75 11.35
CA ARG I 189 -17.93 -18.58 12.24
C ARG I 189 -18.44 -18.43 13.69
N VAL I 190 -18.56 -19.58 14.36
CA VAL I 190 -18.94 -19.61 15.78
C VAL I 190 -18.14 -20.71 16.46
N SER I 191 -17.81 -20.49 17.73
CA SER I 191 -17.16 -21.51 18.51
C SER I 191 -18.13 -22.66 18.81
N ALA I 192 -17.58 -23.86 18.94
CA ALA I 192 -18.42 -25.02 19.24
C ALA I 192 -19.18 -24.84 20.55
N THR I 193 -18.64 -24.05 21.47
CA THR I 193 -19.34 -23.76 22.71
C THR I 193 -20.65 -23.03 22.44
N PHE I 194 -20.64 -22.07 21.52
CA PHE I 194 -21.86 -21.34 21.19
C PHE I 194 -22.87 -22.23 20.48
N TRP I 195 -22.40 -23.21 19.71
CA TRP I 195 -23.30 -24.03 18.91
C TRP I 195 -24.01 -25.08 19.76
N HIS I 196 -23.27 -25.78 20.63
CA HIS I 196 -23.88 -26.83 21.44
C HIS I 196 -24.77 -26.27 22.54
N ASN I 197 -24.71 -24.98 22.82
CA ASN I 197 -25.69 -24.34 23.70
C ASN I 197 -27.02 -24.30 22.97
N PRO I 198 -28.09 -24.91 23.52
CA PRO I 198 -29.37 -24.94 22.82
C PRO I 198 -30.22 -23.69 22.97
N ARG I 199 -29.72 -22.65 23.62
CA ARG I 199 -30.48 -21.42 23.83
C ARG I 199 -30.12 -20.32 22.83
N ASN I 200 -29.18 -20.57 21.93
CA ASN I 200 -28.73 -19.56 20.98
C ASN I 200 -29.51 -19.65 19.68
N HIS I 201 -29.93 -18.49 19.19
CA HIS I 201 -30.82 -18.39 18.03
C HIS I 201 -30.05 -17.76 16.88
N PHE I 202 -29.90 -18.50 15.78
CA PHE I 202 -29.17 -18.05 14.60
C PHE I 202 -30.14 -17.83 13.46
N ARG I 203 -30.14 -16.61 12.91
CA ARG I 203 -30.99 -16.29 11.77
C ARG I 203 -30.16 -15.63 10.67
N CYS I 204 -30.29 -16.13 9.45
CA CYS I 204 -29.70 -15.53 8.27
C CYS I 204 -30.79 -14.83 7.48
N GLN I 205 -30.70 -13.51 7.36
CA GLN I 205 -31.74 -12.69 6.75
C GLN I 205 -31.24 -12.10 5.44
N VAL I 206 -31.94 -12.42 4.36
CA VAL I 206 -31.67 -11.85 3.04
C VAL I 206 -32.79 -10.88 2.71
N GLN I 207 -32.43 -9.73 2.14
CA GLN I 207 -33.38 -8.66 1.83
C GLN I 207 -33.38 -8.43 0.32
N PHE I 208 -34.47 -8.83 -0.33
CA PHE I 208 -34.63 -8.63 -1.77
C PHE I 208 -35.28 -7.28 -2.03
N HIS I 209 -34.70 -6.51 -2.95
CA HIS I 209 -35.25 -5.23 -3.38
C HIS I 209 -35.90 -5.40 -4.75
N GLY I 210 -37.18 -5.04 -4.85
CA GLY I 210 -37.91 -5.21 -6.09
C GLY I 210 -38.92 -4.12 -6.36
N LEU I 211 -39.83 -4.38 -7.30
CA LEU I 211 -40.82 -3.39 -7.70
C LEU I 211 -41.79 -3.11 -6.56
N SER I 212 -42.29 -1.87 -6.52
CA SER I 212 -43.18 -1.43 -5.46
C SER I 212 -44.03 -0.28 -5.96
N GLU I 213 -45.34 -0.36 -5.75
CA GLU I 213 -46.28 0.69 -6.13
C GLU I 213 -46.17 1.02 -7.62
N GLU I 214 -46.01 -0.01 -8.43
CA GLU I 214 -45.88 0.12 -9.88
C GLU I 214 -46.28 -1.18 -10.54
N ASP I 215 -47.47 -1.67 -10.19
CA ASP I 215 -47.89 -3.03 -10.52
C ASP I 215 -47.99 -3.27 -12.02
N LYS I 216 -47.03 -4.00 -12.57
CA LYS I 216 -47.12 -4.56 -13.91
C LYS I 216 -47.26 -6.07 -13.88
N TRP I 217 -47.77 -6.61 -12.77
CA TRP I 217 -47.89 -8.03 -12.49
C TRP I 217 -49.33 -8.48 -12.55
N PRO I 218 -49.61 -9.66 -13.11
CA PRO I 218 -50.98 -10.16 -13.15
C PRO I 218 -51.38 -10.86 -11.86
N GLU I 219 -52.37 -11.74 -11.93
CA GLU I 219 -52.80 -12.53 -10.79
C GLU I 219 -52.17 -13.93 -10.76
N GLY I 220 -51.25 -14.21 -11.68
CA GLY I 220 -50.55 -15.49 -11.64
C GLY I 220 -49.64 -15.65 -10.44
N SER I 221 -49.30 -14.55 -9.76
CA SER I 221 -48.44 -14.54 -8.59
C SER I 221 -48.49 -13.16 -7.94
N PRO I 222 -48.22 -13.05 -6.64
CA PRO I 222 -48.01 -11.72 -6.05
C PRO I 222 -46.70 -11.13 -6.55
N LYS I 223 -46.74 -9.86 -6.90
CA LYS I 223 -45.56 -9.22 -7.50
C LYS I 223 -44.40 -9.24 -6.50
N PRO I 224 -43.22 -9.71 -6.90
CA PRO I 224 -42.08 -9.70 -5.98
C PRO I 224 -41.73 -8.29 -5.52
N VAL I 225 -42.04 -8.01 -4.26
CA VAL I 225 -41.85 -6.70 -3.68
C VAL I 225 -40.58 -6.71 -2.85
N THR I 226 -40.15 -5.54 -2.41
CA THR I 226 -39.05 -5.47 -1.45
C THR I 226 -39.47 -6.17 -0.16
N GLN I 227 -38.66 -7.12 0.28
CA GLN I 227 -39.09 -8.05 1.32
C GLN I 227 -37.87 -8.69 1.95
N ASN I 228 -38.10 -9.33 3.10
CA ASN I 228 -37.07 -10.03 3.85
C ASN I 228 -37.52 -11.47 4.06
N ILE I 229 -36.71 -12.42 3.60
CA ILE I 229 -36.96 -13.84 3.79
C ILE I 229 -35.73 -14.45 4.44
N SER I 230 -35.93 -15.06 5.61
CA SER I 230 -34.82 -15.47 6.45
C SER I 230 -35.01 -16.91 6.90
N ALA I 231 -33.95 -17.71 6.74
CA ALA I 231 -33.88 -19.03 7.36
C ALA I 231 -33.24 -18.90 8.73
N GLU I 232 -33.62 -19.81 9.63
CA GLU I 232 -33.11 -19.75 11.00
C GLU I 232 -32.95 -21.16 11.54
N ALA I 233 -32.15 -21.27 12.61
CA ALA I 233 -31.92 -22.53 13.28
C ALA I 233 -31.56 -22.25 14.73
N TRP I 234 -31.68 -23.28 15.56
CA TRP I 234 -31.36 -23.20 16.98
C TRP I 234 -30.05 -23.91 17.26
N GLY I 235 -29.67 -23.93 18.54
CA GLY I 235 -28.49 -24.66 18.95
C GLY I 235 -28.72 -26.15 18.96
N ARG I 236 -27.62 -26.89 19.15
CA ARG I 236 -27.65 -28.34 19.17
C ARG I 236 -28.55 -28.87 20.28
#